data_2YRJ
#
_entry.id   2YRJ
#
loop_
_entity.id
_entity.type
_entity.pdbx_description
1 polymer 'Zinc finger protein 473'
2 non-polymer 'ZINC ION'
#
_entity_poly.entity_id   1
_entity_poly.type   'polypeptide(L)'
_entity_poly.pdbx_seq_one_letter_code
;GSSGSSGTGEKPYRCGECGKAFAQKANLTQHQRIHTGEKPSGPSSG
;
_entity_poly.pdbx_strand_id   A
#
loop_
_chem_comp.id
_chem_comp.type
_chem_comp.name
_chem_comp.formula
ZN non-polymer 'ZINC ION' 'Zn 2'
#
# COMPACT_ATOMS: atom_id res chain seq x y z
N GLY A 1 -0.38 17.54 12.25
CA GLY A 1 0.94 17.19 11.74
C GLY A 1 1.18 17.70 10.34
N SER A 2 1.64 18.95 10.23
CA SER A 2 1.90 19.56 8.94
C SER A 2 3.32 19.24 8.48
N SER A 3 3.41 18.48 7.39
CA SER A 3 4.72 18.10 6.84
C SER A 3 4.74 18.28 5.33
N GLY A 4 5.93 18.19 4.75
CA GLY A 4 6.06 18.35 3.30
C GLY A 4 6.20 17.03 2.59
N SER A 5 6.95 17.02 1.49
CA SER A 5 7.15 15.81 0.71
C SER A 5 8.55 15.23 0.94
N SER A 6 8.60 14.12 1.65
CA SER A 6 9.88 13.46 1.95
C SER A 6 10.55 12.98 0.66
N GLY A 7 11.86 13.19 0.58
CA GLY A 7 12.60 12.78 -0.60
C GLY A 7 12.89 11.29 -0.61
N THR A 8 12.03 10.53 -1.27
CA THR A 8 12.19 9.08 -1.36
C THR A 8 12.07 8.60 -2.80
N GLY A 9 12.98 7.72 -3.20
CA GLY A 9 12.96 7.19 -4.55
C GLY A 9 11.90 6.12 -4.74
N GLU A 10 12.16 5.17 -5.63
CA GLU A 10 11.22 4.08 -5.90
C GLU A 10 10.83 3.37 -4.61
N LYS A 11 9.84 2.49 -4.70
CA LYS A 11 9.36 1.75 -3.55
C LYS A 11 9.59 0.25 -3.74
N PRO A 12 10.54 -0.30 -2.98
CA PRO A 12 10.88 -1.74 -3.04
C PRO A 12 9.77 -2.61 -2.47
N TYR A 13 9.08 -2.10 -1.45
CA TYR A 13 8.00 -2.85 -0.82
C TYR A 13 6.71 -2.72 -1.61
N ARG A 14 6.10 -3.86 -1.94
CA ARG A 14 4.86 -3.87 -2.70
C ARG A 14 3.84 -4.79 -2.04
N CYS A 15 2.69 -4.22 -1.67
CA CYS A 15 1.63 -4.99 -1.03
C CYS A 15 1.35 -6.27 -1.81
N GLY A 16 0.85 -7.29 -1.10
CA GLY A 16 0.54 -8.55 -1.73
C GLY A 16 -0.94 -8.71 -2.03
N GLU A 17 -1.78 -8.10 -1.20
CA GLU A 17 -3.22 -8.18 -1.37
C GLU A 17 -3.65 -7.55 -2.69
N CYS A 18 -3.41 -6.25 -2.81
CA CYS A 18 -3.76 -5.51 -4.03
C CYS A 18 -2.56 -5.36 -4.95
N GLY A 19 -1.41 -5.04 -4.36
CA GLY A 19 -0.20 -4.87 -5.15
C GLY A 19 0.37 -3.47 -5.04
N LYS A 20 -0.09 -2.72 -4.05
CA LYS A 20 0.38 -1.35 -3.84
C LYS A 20 1.88 -1.32 -3.58
N ALA A 21 2.40 -0.14 -3.27
CA ALA A 21 3.82 0.02 -2.99
C ALA A 21 4.06 1.17 -2.02
N PHE A 22 5.22 1.15 -1.37
CA PHE A 22 5.57 2.19 -0.40
C PHE A 22 7.08 2.24 -0.18
N ALA A 23 7.61 3.44 0.00
CA ALA A 23 9.04 3.63 0.23
C ALA A 23 9.47 3.00 1.54
N GLN A 24 8.62 3.10 2.55
CA GLN A 24 8.91 2.53 3.87
C GLN A 24 7.88 1.49 4.26
N LYS A 25 8.30 0.50 5.03
CA LYS A 25 7.41 -0.56 5.47
C LYS A 25 6.27 0.00 6.32
N ALA A 26 6.63 0.79 7.33
CA ALA A 26 5.65 1.39 8.21
C ALA A 26 4.44 1.90 7.43
N ASN A 27 4.69 2.40 6.22
CA ASN A 27 3.63 2.92 5.37
C ASN A 27 2.82 1.77 4.76
N LEU A 28 3.49 0.67 4.47
CA LEU A 28 2.84 -0.49 3.88
C LEU A 28 2.07 -1.28 4.94
N THR A 29 2.78 -1.67 6.00
CA THR A 29 2.17 -2.43 7.08
C THR A 29 0.85 -1.80 7.52
N GLN A 30 0.83 -0.47 7.58
CA GLN A 30 -0.38 0.25 7.99
C GLN A 30 -1.43 0.21 6.89
N HIS A 31 -0.99 0.01 5.65
CA HIS A 31 -1.90 -0.06 4.52
C HIS A 31 -2.64 -1.39 4.49
N GLN A 32 -1.92 -2.48 4.73
CA GLN A 32 -2.51 -3.81 4.73
C GLN A 32 -3.75 -3.84 5.62
N ARG A 33 -3.76 -3.02 6.66
CA ARG A 33 -4.88 -2.97 7.58
C ARG A 33 -6.19 -2.76 6.83
N ILE A 34 -6.10 -2.12 5.66
CA ILE A 34 -7.28 -1.86 4.85
C ILE A 34 -7.93 -3.16 4.39
N HIS A 35 -7.11 -4.17 4.09
CA HIS A 35 -7.62 -5.46 3.65
C HIS A 35 -8.10 -6.30 4.84
N THR A 36 -7.30 -6.29 5.91
CA THR A 36 -7.65 -7.05 7.10
C THR A 36 -9.02 -6.65 7.63
N GLY A 37 -10.06 -7.40 7.23
CA GLY A 37 -11.40 -7.11 7.67
C GLY A 37 -11.94 -5.81 7.10
N GLU A 38 -12.75 -5.91 6.05
CA GLU A 38 -13.32 -4.74 5.41
C GLU A 38 -14.44 -4.15 6.25
N LYS A 39 -14.36 -2.84 6.50
CA LYS A 39 -15.37 -2.14 7.30
C LYS A 39 -16.49 -1.61 6.42
N PRO A 40 -17.67 -1.41 7.02
CA PRO A 40 -18.84 -0.90 6.30
C PRO A 40 -18.68 0.56 5.90
N SER A 41 -18.03 1.34 6.76
CA SER A 41 -17.81 2.76 6.50
C SER A 41 -16.89 2.95 5.30
N GLY A 42 -15.80 2.20 5.27
CA GLY A 42 -14.85 2.31 4.18
C GLY A 42 -13.73 3.28 4.47
N PRO A 43 -12.56 3.06 3.84
CA PRO A 43 -11.39 3.93 4.03
C PRO A 43 -11.57 5.30 3.40
N SER A 44 -11.97 6.27 4.22
CA SER A 44 -12.19 7.63 3.74
C SER A 44 -11.33 8.62 4.52
N SER A 45 -11.35 8.50 5.84
CA SER A 45 -10.58 9.40 6.70
C SER A 45 -10.57 10.81 6.15
N GLY A 46 -11.73 11.27 5.68
CA GLY A 46 -11.84 12.61 5.13
C GLY A 46 -12.09 13.65 6.20
ZN ZN B . -2.97 -3.63 -0.59
N GLY A 1 19.18 9.68 7.15
CA GLY A 1 18.98 9.69 5.70
C GLY A 1 17.85 10.61 5.27
N SER A 2 17.98 11.89 5.62
CA SER A 2 16.96 12.87 5.27
C SER A 2 16.93 13.12 3.77
N SER A 3 15.81 12.76 3.14
CA SER A 3 15.65 12.93 1.70
C SER A 3 14.36 13.67 1.38
N GLY A 4 14.44 14.64 0.48
CA GLY A 4 13.27 15.40 0.09
C GLY A 4 13.42 16.06 -1.26
N SER A 5 13.72 15.26 -2.27
CA SER A 5 13.90 15.77 -3.63
C SER A 5 13.33 14.81 -4.66
N SER A 6 12.88 15.34 -5.78
CA SER A 6 12.31 14.53 -6.86
C SER A 6 13.37 14.17 -7.90
N GLY A 7 13.37 12.92 -8.32
CA GLY A 7 14.34 12.46 -9.31
C GLY A 7 14.49 10.96 -9.33
N THR A 8 15.29 10.43 -8.42
CA THR A 8 15.52 8.99 -8.34
C THR A 8 14.95 8.42 -7.05
N GLY A 9 13.78 7.80 -7.15
CA GLY A 9 13.14 7.22 -5.98
C GLY A 9 12.11 6.16 -6.35
N GLU A 10 12.20 5.01 -5.69
CA GLU A 10 11.28 3.91 -5.95
C GLU A 10 10.88 3.20 -4.66
N LYS A 11 9.84 2.40 -4.72
CA LYS A 11 9.36 1.66 -3.56
C LYS A 11 9.57 0.17 -3.73
N PRO A 12 10.53 -0.39 -2.97
CA PRO A 12 10.86 -1.82 -3.02
C PRO A 12 9.75 -2.69 -2.43
N TYR A 13 9.08 -2.18 -1.40
CA TYR A 13 8.00 -2.91 -0.75
C TYR A 13 6.70 -2.75 -1.53
N ARG A 14 6.11 -3.88 -1.93
CA ARG A 14 4.86 -3.85 -2.67
C ARG A 14 3.83 -4.79 -2.03
N CYS A 15 2.66 -4.25 -1.70
CA CYS A 15 1.60 -5.04 -1.09
C CYS A 15 1.32 -6.30 -1.89
N GLY A 16 0.79 -7.31 -1.22
CA GLY A 16 0.48 -8.57 -1.89
C GLY A 16 -1.00 -8.70 -2.23
N GLU A 17 -1.84 -8.13 -1.38
CA GLU A 17 -3.29 -8.18 -1.59
C GLU A 17 -3.68 -7.49 -2.89
N CYS A 18 -3.50 -6.18 -2.93
CA CYS A 18 -3.83 -5.40 -4.12
C CYS A 18 -2.61 -5.23 -5.02
N GLY A 19 -1.47 -4.94 -4.41
CA GLY A 19 -0.24 -4.76 -5.17
C GLY A 19 0.34 -3.37 -5.01
N LYS A 20 -0.12 -2.64 -4.00
CA LYS A 20 0.35 -1.29 -3.75
C LYS A 20 1.86 -1.28 -3.46
N ALA A 21 2.41 -0.10 -3.24
CA ALA A 21 3.83 0.05 -2.97
C ALA A 21 4.08 1.19 -1.99
N PHE A 22 5.24 1.15 -1.33
CA PHE A 22 5.61 2.18 -0.37
C PHE A 22 7.12 2.22 -0.15
N ALA A 23 7.66 3.42 0.02
CA ALA A 23 9.09 3.59 0.23
C ALA A 23 9.52 3.01 1.58
N GLN A 24 8.62 3.09 2.56
CA GLN A 24 8.91 2.58 3.89
C GLN A 24 7.86 1.55 4.32
N LYS A 25 8.30 0.52 5.04
CA LYS A 25 7.41 -0.52 5.51
C LYS A 25 6.29 0.06 6.36
N ALA A 26 6.66 0.85 7.37
CA ALA A 26 5.69 1.47 8.25
C ALA A 26 4.50 2.01 7.47
N ASN A 27 4.76 2.43 6.24
CA ASN A 27 3.71 2.98 5.37
C ASN A 27 2.88 1.86 4.75
N LEU A 28 3.52 0.74 4.47
CA LEU A 28 2.85 -0.41 3.87
C LEU A 28 2.06 -1.18 4.92
N THR A 29 2.70 -1.50 6.03
CA THR A 29 2.05 -2.23 7.12
C THR A 29 0.74 -1.59 7.51
N GLN A 30 0.74 -0.25 7.58
CA GLN A 30 -0.46 0.49 7.95
C GLN A 30 -1.52 0.39 6.85
N HIS A 31 -1.08 0.08 5.64
CA HIS A 31 -1.99 -0.04 4.50
C HIS A 31 -2.69 -1.40 4.50
N GLN A 32 -1.91 -2.45 4.77
CA GLN A 32 -2.45 -3.81 4.80
C GLN A 32 -3.69 -3.87 5.70
N ARG A 33 -3.72 -3.02 6.72
CA ARG A 33 -4.84 -2.99 7.65
C ARG A 33 -6.16 -2.86 6.90
N ILE A 34 -6.11 -2.30 5.70
CA ILE A 34 -7.30 -2.11 4.89
C ILE A 34 -7.87 -3.45 4.43
N HIS A 35 -6.98 -4.40 4.15
CA HIS A 35 -7.40 -5.73 3.70
C HIS A 35 -7.77 -6.60 4.90
N THR A 36 -7.94 -5.97 6.05
CA THR A 36 -8.30 -6.70 7.27
C THR A 36 -9.59 -6.15 7.88
N GLY A 37 -10.54 -7.03 8.12
CA GLY A 37 -11.81 -6.62 8.70
C GLY A 37 -12.99 -6.93 7.80
N GLU A 38 -13.51 -5.91 7.13
CA GLU A 38 -14.64 -6.07 6.23
C GLU A 38 -14.31 -5.57 4.83
N LYS A 39 -14.35 -6.47 3.86
CA LYS A 39 -14.07 -6.12 2.48
C LYS A 39 -15.34 -5.79 1.71
N PRO A 40 -15.24 -4.91 0.70
CA PRO A 40 -16.37 -4.50 -0.12
C PRO A 40 -16.86 -5.63 -1.04
N SER A 41 -17.86 -6.37 -0.57
CA SER A 41 -18.41 -7.48 -1.34
C SER A 41 -19.09 -6.97 -2.60
N GLY A 42 -19.17 -7.83 -3.62
CA GLY A 42 -19.80 -7.45 -4.87
C GLY A 42 -18.84 -7.48 -6.03
N PRO A 43 -19.17 -6.74 -7.10
CA PRO A 43 -18.33 -6.66 -8.31
C PRO A 43 -17.03 -5.91 -8.06
N SER A 44 -15.93 -6.65 -8.04
CA SER A 44 -14.62 -6.06 -7.81
C SER A 44 -13.58 -6.64 -8.76
N SER A 45 -12.40 -6.03 -8.80
CA SER A 45 -11.32 -6.49 -9.67
C SER A 45 -10.42 -7.49 -8.94
N GLY A 46 -11.04 -8.39 -8.18
CA GLY A 46 -10.29 -9.38 -7.45
C GLY A 46 -9.36 -10.19 -8.34
ZN ZN B . -2.99 -3.69 -0.63
N GLY A 1 9.09 16.16 -23.88
CA GLY A 1 9.61 15.46 -22.72
C GLY A 1 8.52 14.72 -21.97
N SER A 2 8.34 13.44 -22.29
CA SER A 2 7.32 12.62 -21.64
C SER A 2 7.93 11.79 -20.51
N SER A 3 8.95 11.01 -20.85
CA SER A 3 9.62 10.17 -19.86
C SER A 3 10.54 10.99 -18.97
N GLY A 4 10.56 10.67 -17.68
CA GLY A 4 11.40 11.39 -16.75
C GLY A 4 10.82 11.42 -15.35
N SER A 5 10.99 10.32 -14.62
CA SER A 5 10.47 10.23 -13.26
C SER A 5 11.50 10.71 -12.25
N SER A 6 11.03 11.45 -11.25
CA SER A 6 11.91 11.99 -10.21
C SER A 6 11.26 11.90 -8.84
N GLY A 7 12.06 12.09 -7.80
CA GLY A 7 11.54 12.03 -6.44
C GLY A 7 12.53 11.39 -5.48
N THR A 8 12.05 11.09 -4.27
CA THR A 8 12.90 10.48 -3.25
C THR A 8 13.48 9.15 -3.74
N GLY A 9 12.65 8.35 -4.38
CA GLY A 9 13.10 7.06 -4.89
C GLY A 9 11.96 6.08 -5.07
N GLU A 10 12.24 4.96 -5.72
CA GLU A 10 11.23 3.94 -5.97
C GLU A 10 10.85 3.23 -4.67
N LYS A 11 9.81 2.42 -4.73
CA LYS A 11 9.33 1.68 -3.57
C LYS A 11 9.56 0.18 -3.73
N PRO A 12 10.52 -0.36 -2.97
CA PRO A 12 10.87 -1.77 -3.02
C PRO A 12 9.76 -2.66 -2.43
N TYR A 13 9.06 -2.13 -1.44
CA TYR A 13 7.98 -2.87 -0.80
C TYR A 13 6.68 -2.73 -1.58
N ARG A 14 6.11 -3.86 -1.96
CA ARG A 14 4.86 -3.87 -2.71
C ARG A 14 3.84 -4.80 -2.07
N CYS A 15 2.69 -4.25 -1.71
CA CYS A 15 1.63 -5.02 -1.08
C CYS A 15 1.34 -6.30 -1.87
N GLY A 16 0.85 -7.32 -1.18
CA GLY A 16 0.54 -8.57 -1.83
C GLY A 16 -0.93 -8.72 -2.16
N GLU A 17 -1.78 -8.13 -1.33
CA GLU A 17 -3.22 -8.19 -1.53
C GLU A 17 -3.61 -7.52 -2.85
N CYS A 18 -3.46 -6.19 -2.89
CA CYS A 18 -3.81 -5.43 -4.09
C CYS A 18 -2.59 -5.29 -5.00
N GLY A 19 -1.44 -4.97 -4.40
CA GLY A 19 -0.23 -4.80 -5.18
C GLY A 19 0.35 -3.41 -5.06
N LYS A 20 -0.09 -2.67 -4.05
CA LYS A 20 0.38 -1.31 -3.83
C LYS A 20 1.88 -1.30 -3.55
N ALA A 21 2.40 -0.11 -3.23
CA ALA A 21 3.83 0.04 -2.95
C ALA A 21 4.07 1.19 -1.99
N PHE A 22 5.23 1.17 -1.33
CA PHE A 22 5.59 2.22 -0.39
C PHE A 22 7.10 2.26 -0.16
N ALA A 23 7.64 3.47 -0.03
CA ALA A 23 9.06 3.64 0.20
C ALA A 23 9.50 3.03 1.52
N GLN A 24 8.63 3.09 2.52
CA GLN A 24 8.92 2.54 3.84
C GLN A 24 7.91 1.46 4.21
N LYS A 25 8.31 0.58 5.11
CA LYS A 25 7.44 -0.50 5.57
C LYS A 25 6.28 0.04 6.41
N ALA A 26 6.62 0.82 7.43
CA ALA A 26 5.61 1.41 8.30
C ALA A 26 4.42 1.94 7.50
N ASN A 27 4.69 2.41 6.29
CA ASN A 27 3.65 2.94 5.43
C ASN A 27 2.83 1.81 4.80
N LEU A 28 3.51 0.71 4.50
CA LEU A 28 2.84 -0.45 3.90
C LEU A 28 2.06 -1.24 4.95
N THR A 29 2.74 -1.57 6.05
CA THR A 29 2.11 -2.32 7.12
C THR A 29 0.78 -1.70 7.54
N GLN A 30 0.75 -0.37 7.60
CA GLN A 30 -0.47 0.35 7.97
C GLN A 30 -1.51 0.27 6.87
N HIS A 31 -1.05 0.07 5.63
CA HIS A 31 -1.95 -0.01 4.49
C HIS A 31 -2.67 -1.36 4.48
N GLN A 32 -1.93 -2.44 4.71
CA GLN A 32 -2.49 -3.77 4.72
C GLN A 32 -3.72 -3.83 5.62
N ARG A 33 -3.71 -3.04 6.69
CA ARG A 33 -4.82 -3.01 7.63
C ARG A 33 -6.15 -2.84 6.90
N ILE A 34 -6.10 -2.20 5.74
CA ILE A 34 -7.29 -1.99 4.94
C ILE A 34 -7.89 -3.31 4.47
N HIS A 35 -7.03 -4.27 4.17
CA HIS A 35 -7.48 -5.58 3.71
C HIS A 35 -7.92 -6.44 4.89
N THR A 36 -7.07 -6.53 5.91
CA THR A 36 -7.37 -7.32 7.10
C THR A 36 -8.85 -7.17 7.49
N GLY A 37 -9.34 -5.94 7.46
CA GLY A 37 -10.72 -5.68 7.83
C GLY A 37 -11.70 -6.35 6.88
N GLU A 38 -12.93 -5.86 6.87
CA GLU A 38 -13.97 -6.42 6.00
C GLU A 38 -15.07 -5.40 5.75
N LYS A 39 -15.15 -4.91 4.51
CA LYS A 39 -16.15 -3.93 4.14
C LYS A 39 -17.34 -4.60 3.43
N PRO A 40 -18.54 -4.04 3.63
CA PRO A 40 -19.77 -4.56 3.04
C PRO A 40 -19.81 -4.35 1.53
N SER A 41 -20.61 -5.16 0.83
CA SER A 41 -20.73 -5.07 -0.61
C SER A 41 -19.40 -5.39 -1.30
N GLY A 42 -18.72 -6.40 -0.79
CA GLY A 42 -17.45 -6.79 -1.37
C GLY A 42 -17.60 -7.42 -2.74
N PRO A 43 -16.60 -8.22 -3.15
CA PRO A 43 -16.60 -8.90 -4.45
C PRO A 43 -17.65 -9.99 -4.52
N SER A 44 -17.96 -10.42 -5.74
CA SER A 44 -18.95 -11.49 -5.95
C SER A 44 -18.48 -12.80 -5.35
N SER A 45 -17.28 -13.24 -5.74
CA SER A 45 -16.72 -14.48 -5.24
C SER A 45 -15.50 -14.22 -4.36
N GLY A 46 -14.98 -15.27 -3.76
CA GLY A 46 -13.82 -15.13 -2.90
C GLY A 46 -14.18 -15.13 -1.43
ZN ZN B . -2.95 -3.65 -0.62
N GLY A 1 4.74 12.48 8.72
CA GLY A 1 3.76 13.53 8.94
C GLY A 1 2.65 13.52 7.90
N SER A 2 2.82 14.31 6.85
CA SER A 2 1.83 14.39 5.79
C SER A 2 2.49 14.27 4.42
N SER A 3 1.69 13.89 3.42
CA SER A 3 2.20 13.74 2.06
C SER A 3 3.05 14.94 1.66
N GLY A 4 4.35 14.70 1.52
CA GLY A 4 5.26 15.77 1.13
C GLY A 4 5.36 15.93 -0.37
N SER A 5 6.30 15.21 -0.99
CA SER A 5 6.50 15.28 -2.43
C SER A 5 6.67 13.89 -3.02
N SER A 6 6.55 13.79 -4.34
CA SER A 6 6.68 12.53 -5.03
C SER A 6 8.14 12.06 -5.05
N GLY A 7 8.57 11.42 -3.97
CA GLY A 7 9.93 10.94 -3.88
C GLY A 7 10.47 10.48 -5.22
N THR A 8 11.69 10.89 -5.54
CA THR A 8 12.32 10.51 -6.79
C THR A 8 12.60 9.01 -6.84
N GLY A 9 13.12 8.48 -5.74
CA GLY A 9 13.43 7.06 -5.68
C GLY A 9 12.22 6.20 -5.97
N GLU A 10 12.35 4.90 -5.71
CA GLU A 10 11.26 3.95 -5.94
C GLU A 10 10.87 3.23 -4.66
N LYS A 11 9.80 2.46 -4.72
CA LYS A 11 9.32 1.71 -3.55
C LYS A 11 9.55 0.22 -3.74
N PRO A 12 10.50 -0.34 -2.99
CA PRO A 12 10.83 -1.77 -3.05
C PRO A 12 9.72 -2.65 -2.47
N TYR A 13 9.05 -2.14 -1.44
CA TYR A 13 7.97 -2.87 -0.80
C TYR A 13 6.67 -2.72 -1.57
N ARG A 14 6.09 -3.85 -1.96
CA ARG A 14 4.83 -3.85 -2.71
C ARG A 14 3.81 -4.79 -2.08
N CYS A 15 2.67 -4.26 -1.70
CA CYS A 15 1.61 -5.04 -1.07
C CYS A 15 1.34 -6.31 -1.88
N GLY A 16 0.84 -7.34 -1.22
CA GLY A 16 0.54 -8.60 -1.89
C GLY A 16 -0.93 -8.74 -2.22
N GLU A 17 -1.78 -8.17 -1.37
CA GLU A 17 -3.23 -8.24 -1.57
C GLU A 17 -3.63 -7.55 -2.87
N CYS A 18 -3.48 -6.23 -2.90
CA CYS A 18 -3.83 -5.43 -4.07
C CYS A 18 -2.62 -5.27 -5.00
N GLY A 19 -1.47 -4.97 -4.40
CA GLY A 19 -0.26 -4.79 -5.17
C GLY A 19 0.31 -3.38 -5.04
N LYS A 20 -0.13 -2.67 -4.01
CA LYS A 20 0.34 -1.31 -3.78
C LYS A 20 1.84 -1.28 -3.52
N ALA A 21 2.37 -0.10 -3.21
CA ALA A 21 3.79 0.05 -2.94
C ALA A 21 4.04 1.18 -1.95
N PHE A 22 5.21 1.15 -1.31
CA PHE A 22 5.56 2.18 -0.33
C PHE A 22 7.08 2.22 -0.12
N ALA A 23 7.62 3.43 -0.02
CA ALA A 23 9.05 3.61 0.19
C ALA A 23 9.50 2.96 1.50
N GLN A 24 8.65 3.05 2.51
CA GLN A 24 8.96 2.47 3.82
C GLN A 24 7.93 1.42 4.21
N LYS A 25 8.30 0.55 5.15
CA LYS A 25 7.41 -0.51 5.62
C LYS A 25 6.27 0.07 6.44
N ALA A 26 6.62 0.87 7.45
CA ALA A 26 5.62 1.50 8.31
C ALA A 26 4.45 2.03 7.51
N ASN A 27 4.73 2.46 6.29
CA ASN A 27 3.69 2.99 5.41
C ASN A 27 2.87 1.87 4.78
N LEU A 28 3.53 0.74 4.52
CA LEU A 28 2.86 -0.40 3.92
C LEU A 28 2.08 -1.19 4.97
N THR A 29 2.75 -1.55 6.06
CA THR A 29 2.11 -2.31 7.13
C THR A 29 0.78 -1.69 7.53
N GLN A 30 0.76 -0.35 7.62
CA GLN A 30 -0.45 0.36 7.98
C GLN A 30 -1.50 0.26 6.87
N HIS A 31 -1.03 0.10 5.64
CA HIS A 31 -1.93 -0.01 4.50
C HIS A 31 -2.66 -1.36 4.50
N GLN A 32 -1.91 -2.43 4.76
CA GLN A 32 -2.47 -3.77 4.79
C GLN A 32 -3.71 -3.82 5.68
N ARG A 33 -3.73 -2.95 6.69
CA ARG A 33 -4.86 -2.91 7.62
C ARG A 33 -6.17 -2.76 6.87
N ILE A 34 -6.10 -2.23 5.65
CA ILE A 34 -7.29 -2.04 4.83
C ILE A 34 -7.86 -3.37 4.37
N HIS A 35 -6.98 -4.33 4.10
CA HIS A 35 -7.40 -5.66 3.66
C HIS A 35 -7.76 -6.54 4.84
N THR A 36 -6.95 -6.48 5.90
CA THR A 36 -7.19 -7.27 7.09
C THR A 36 -8.32 -6.67 7.93
N GLY A 37 -9.30 -7.51 8.27
CA GLY A 37 -10.42 -7.04 9.07
C GLY A 37 -11.39 -6.20 8.27
N GLU A 38 -12.07 -6.84 7.32
CA GLU A 38 -13.04 -6.15 6.48
C GLU A 38 -14.47 -6.39 6.98
N LYS A 39 -15.20 -5.29 7.19
CA LYS A 39 -16.57 -5.38 7.67
C LYS A 39 -17.56 -5.16 6.52
N PRO A 40 -18.75 -5.78 6.63
CA PRO A 40 -19.79 -5.66 5.62
C PRO A 40 -20.42 -4.27 5.59
N SER A 41 -19.74 -3.33 4.93
CA SER A 41 -20.23 -1.96 4.83
C SER A 41 -20.60 -1.62 3.39
N GLY A 42 -21.88 -1.74 3.07
CA GLY A 42 -22.34 -1.45 1.73
C GLY A 42 -23.79 -1.83 1.51
N PRO A 43 -24.47 -1.13 0.59
CA PRO A 43 -25.87 -1.39 0.27
C PRO A 43 -26.06 -2.71 -0.47
N SER A 44 -27.22 -3.34 -0.25
CA SER A 44 -27.52 -4.61 -0.90
C SER A 44 -28.17 -4.40 -2.26
N SER A 45 -29.22 -3.58 -2.29
CA SER A 45 -29.93 -3.30 -3.52
C SER A 45 -29.08 -2.42 -4.45
N GLY A 46 -29.19 -2.67 -5.75
CA GLY A 46 -28.43 -1.90 -6.72
C GLY A 46 -28.17 -2.66 -8.00
ZN ZN B . -2.94 -3.67 -0.59
N GLY A 1 -8.90 13.69 -7.66
CA GLY A 1 -8.06 14.60 -8.41
C GLY A 1 -6.71 13.99 -8.75
N SER A 2 -5.74 14.84 -9.10
CA SER A 2 -4.41 14.39 -9.47
C SER A 2 -3.63 13.95 -8.23
N SER A 3 -3.11 12.72 -8.27
CA SER A 3 -2.35 12.19 -7.15
C SER A 3 -1.56 10.95 -7.57
N GLY A 4 -0.24 11.09 -7.67
CA GLY A 4 0.60 9.98 -8.06
C GLY A 4 2.07 10.26 -7.86
N SER A 5 2.88 9.94 -8.88
CA SER A 5 4.32 10.17 -8.81
C SER A 5 4.63 11.62 -8.45
N SER A 6 5.30 11.81 -7.32
CA SER A 6 5.66 13.15 -6.88
C SER A 6 6.96 13.13 -6.07
N GLY A 7 8.03 13.65 -6.67
CA GLY A 7 9.31 13.68 -5.99
C GLY A 7 10.35 12.80 -6.68
N THR A 8 11.05 12.00 -5.90
CA THR A 8 12.08 11.11 -6.43
C THR A 8 12.29 9.90 -5.53
N GLY A 9 12.43 8.72 -6.14
CA GLY A 9 12.65 7.51 -5.37
C GLY A 9 11.59 6.46 -5.64
N GLU A 10 12.01 5.20 -5.67
CA GLU A 10 11.09 4.10 -5.93
C GLU A 10 10.74 3.37 -4.63
N LYS A 11 9.75 2.49 -4.71
CA LYS A 11 9.32 1.72 -3.55
C LYS A 11 9.53 0.23 -3.75
N PRO A 12 10.50 -0.33 -3.00
CA PRO A 12 10.83 -1.76 -3.09
C PRO A 12 9.73 -2.65 -2.52
N TYR A 13 9.06 -2.15 -1.48
CA TYR A 13 7.98 -2.90 -0.85
C TYR A 13 6.68 -2.76 -1.62
N ARG A 14 6.10 -3.89 -2.01
CA ARG A 14 4.84 -3.88 -2.76
C ARG A 14 3.83 -4.82 -2.13
N CYS A 15 2.69 -4.27 -1.71
CA CYS A 15 1.64 -5.06 -1.09
C CYS A 15 1.36 -6.33 -1.89
N GLY A 16 0.90 -7.38 -1.20
CA GLY A 16 0.61 -8.63 -1.86
C GLY A 16 -0.87 -8.79 -2.17
N GLU A 17 -1.72 -8.20 -1.33
CA GLU A 17 -3.16 -8.28 -1.51
C GLU A 17 -3.58 -7.61 -2.81
N CYS A 18 -3.43 -6.29 -2.87
CA CYS A 18 -3.79 -5.53 -4.06
C CYS A 18 -2.59 -5.36 -4.98
N GLY A 19 -1.44 -5.02 -4.40
CA GLY A 19 -0.24 -4.83 -5.19
C GLY A 19 0.33 -3.43 -5.05
N LYS A 20 -0.12 -2.71 -4.02
CA LYS A 20 0.34 -1.35 -3.79
C LYS A 20 1.85 -1.33 -3.54
N ALA A 21 2.36 -0.15 -3.20
CA ALA A 21 3.79 0.02 -2.93
C ALA A 21 4.04 1.13 -1.93
N PHE A 22 5.20 1.10 -1.29
CA PHE A 22 5.56 2.11 -0.31
C PHE A 22 7.07 2.16 -0.10
N ALA A 23 7.60 3.37 0.06
CA ALA A 23 9.03 3.55 0.28
C ALA A 23 9.47 2.93 1.60
N GLN A 24 8.64 3.07 2.62
CA GLN A 24 8.94 2.52 3.94
C GLN A 24 7.89 1.51 4.36
N LYS A 25 8.32 0.48 5.07
CA LYS A 25 7.41 -0.57 5.55
C LYS A 25 6.30 0.02 6.41
N ALA A 26 6.69 0.78 7.42
CA ALA A 26 5.72 1.41 8.31
C ALA A 26 4.53 1.96 7.53
N ASN A 27 4.80 2.44 6.32
CA ASN A 27 3.75 2.99 5.47
C ASN A 27 2.91 1.89 4.84
N LEU A 28 3.56 0.78 4.52
CA LEU A 28 2.87 -0.36 3.91
C LEU A 28 2.10 -1.15 4.96
N THR A 29 2.80 -1.57 6.01
CA THR A 29 2.17 -2.34 7.08
C THR A 29 0.84 -1.73 7.49
N GLN A 30 0.79 -0.40 7.56
CA GLN A 30 -0.43 0.30 7.93
C GLN A 30 -1.47 0.20 6.84
N HIS A 31 -1.02 0.10 5.59
CA HIS A 31 -1.92 -0.02 4.44
C HIS A 31 -2.63 -1.36 4.45
N GLN A 32 -1.90 -2.42 4.76
CA GLN A 32 -2.47 -3.76 4.79
C GLN A 32 -3.67 -3.81 5.72
N ARG A 33 -3.77 -2.85 6.62
CA ARG A 33 -4.87 -2.79 7.57
C ARG A 33 -6.20 -2.59 6.85
N ILE A 34 -6.13 -2.14 5.60
CA ILE A 34 -7.32 -1.91 4.80
C ILE A 34 -7.95 -3.23 4.36
N HIS A 35 -7.11 -4.22 4.09
CA HIS A 35 -7.58 -5.53 3.67
C HIS A 35 -8.05 -6.36 4.86
N THR A 36 -7.20 -6.44 5.87
CA THR A 36 -7.53 -7.21 7.07
C THR A 36 -9.00 -7.04 7.44
N GLY A 37 -9.77 -8.12 7.27
CA GLY A 37 -11.20 -8.07 7.59
C GLY A 37 -12.06 -8.05 6.35
N GLU A 38 -12.11 -6.89 5.69
CA GLU A 38 -12.91 -6.74 4.49
C GLU A 38 -12.33 -5.67 3.58
N LYS A 39 -11.99 -6.06 2.35
CA LYS A 39 -11.43 -5.13 1.37
C LYS A 39 -12.46 -4.74 0.33
N PRO A 40 -12.39 -3.49 -0.14
CA PRO A 40 -13.31 -2.96 -1.14
C PRO A 40 -13.07 -3.58 -2.52
N SER A 41 -13.86 -4.60 -2.84
CA SER A 41 -13.75 -5.28 -4.13
C SER A 41 -13.95 -4.31 -5.29
N GLY A 42 -15.13 -3.71 -5.33
CA GLY A 42 -15.44 -2.76 -6.39
C GLY A 42 -15.47 -3.41 -7.76
N PRO A 43 -15.26 -2.60 -8.81
CA PRO A 43 -15.26 -3.08 -10.19
C PRO A 43 -14.05 -3.96 -10.50
N SER A 44 -12.92 -3.64 -9.88
CA SER A 44 -11.69 -4.39 -10.09
C SER A 44 -11.51 -4.73 -11.57
N SER A 45 -11.75 -3.75 -12.42
CA SER A 45 -11.62 -3.94 -13.86
C SER A 45 -12.20 -5.28 -14.29
N GLY A 46 -13.35 -5.63 -13.72
CA GLY A 46 -13.99 -6.89 -14.05
C GLY A 46 -15.29 -6.70 -14.80
ZN ZN B . -2.93 -3.71 -0.59
N GLY A 1 16.55 -3.27 -10.49
CA GLY A 1 15.38 -3.92 -11.05
C GLY A 1 15.28 -3.73 -12.55
N SER A 2 14.73 -2.60 -12.98
CA SER A 2 14.57 -2.32 -14.40
C SER A 2 15.14 -0.94 -14.74
N SER A 3 15.21 -0.64 -16.04
CA SER A 3 15.74 0.63 -16.50
C SER A 3 14.62 1.56 -16.93
N GLY A 4 14.64 2.79 -16.42
CA GLY A 4 13.61 3.75 -16.76
C GLY A 4 13.67 5.00 -15.91
N SER A 5 13.56 6.16 -16.54
CA SER A 5 13.61 7.43 -15.81
C SER A 5 12.21 7.87 -15.39
N SER A 6 11.42 6.92 -14.90
CA SER A 6 10.06 7.20 -14.46
C SER A 6 10.05 7.78 -13.05
N GLY A 7 10.99 8.67 -12.78
CA GLY A 7 11.07 9.29 -11.47
C GLY A 7 12.14 8.66 -10.61
N THR A 8 12.45 9.29 -9.48
CA THR A 8 13.47 8.79 -8.56
C THR A 8 12.85 8.40 -7.22
N GLY A 9 13.55 7.54 -6.48
CA GLY A 9 13.06 7.11 -5.18
C GLY A 9 11.89 6.14 -5.30
N GLU A 10 12.15 4.98 -5.90
CA GLU A 10 11.11 3.98 -6.08
C GLU A 10 10.80 3.27 -4.76
N LYS A 11 9.77 2.44 -4.77
CA LYS A 11 9.37 1.71 -3.58
C LYS A 11 9.58 0.21 -3.76
N PRO A 12 10.53 -0.35 -2.99
CA PRO A 12 10.85 -1.79 -3.06
C PRO A 12 9.74 -2.65 -2.48
N TYR A 13 9.07 -2.13 -1.45
CA TYR A 13 7.98 -2.87 -0.80
C TYR A 13 6.69 -2.72 -1.58
N ARG A 14 6.10 -3.86 -1.96
CA ARG A 14 4.86 -3.87 -2.71
C ARG A 14 3.84 -4.79 -2.08
N CYS A 15 2.69 -4.24 -1.70
CA CYS A 15 1.63 -5.02 -1.08
C CYS A 15 1.36 -6.30 -1.86
N GLY A 16 0.82 -7.30 -1.19
CA GLY A 16 0.52 -8.57 -1.84
C GLY A 16 -0.95 -8.71 -2.17
N GLU A 17 -1.81 -8.13 -1.33
CA GLU A 17 -3.25 -8.20 -1.54
C GLU A 17 -3.64 -7.53 -2.85
N CYS A 18 -3.47 -6.21 -2.90
CA CYS A 18 -3.81 -5.44 -4.09
C CYS A 18 -2.60 -5.28 -5.00
N GLY A 19 -1.46 -4.98 -4.40
CA GLY A 19 -0.24 -4.81 -5.17
C GLY A 19 0.34 -3.41 -5.05
N LYS A 20 -0.11 -2.68 -4.03
CA LYS A 20 0.36 -1.31 -3.80
C LYS A 20 1.87 -1.30 -3.53
N ALA A 21 2.40 -0.12 -3.24
CA ALA A 21 3.82 0.03 -2.95
C ALA A 21 4.06 1.16 -1.95
N PHE A 22 5.21 1.12 -1.30
CA PHE A 22 5.57 2.14 -0.32
C PHE A 22 7.08 2.18 -0.10
N ALA A 23 7.61 3.39 0.09
CA ALA A 23 9.04 3.56 0.30
C ALA A 23 9.48 2.90 1.61
N GLN A 24 8.66 3.04 2.65
CA GLN A 24 8.96 2.47 3.95
C GLN A 24 7.93 1.41 4.33
N LYS A 25 8.30 0.53 5.25
CA LYS A 25 7.41 -0.53 5.71
C LYS A 25 6.25 0.05 6.50
N ALA A 26 6.57 0.83 7.53
CA ALA A 26 5.54 1.45 8.36
C ALA A 26 4.39 1.99 7.52
N ASN A 27 4.72 2.46 6.33
CA ASN A 27 3.70 3.00 5.42
C ASN A 27 2.90 1.88 4.78
N LEU A 28 3.55 0.76 4.52
CA LEU A 28 2.89 -0.38 3.90
C LEU A 28 2.09 -1.17 4.94
N THR A 29 2.76 -1.58 6.00
CA THR A 29 2.10 -2.35 7.07
C THR A 29 0.76 -1.72 7.45
N GLN A 30 0.75 -0.40 7.57
CA GLN A 30 -0.47 0.32 7.93
C GLN A 30 -1.50 0.22 6.82
N HIS A 31 -1.04 0.14 5.57
CA HIS A 31 -1.93 0.03 4.43
C HIS A 31 -2.65 -1.30 4.42
N GLN A 32 -1.90 -2.38 4.61
CA GLN A 32 -2.47 -3.72 4.62
C GLN A 32 -3.64 -3.81 5.59
N ARG A 33 -3.68 -2.88 6.55
CA ARG A 33 -4.75 -2.85 7.54
C ARG A 33 -6.11 -2.78 6.86
N ILE A 34 -6.15 -2.18 5.68
CA ILE A 34 -7.39 -2.04 4.93
C ILE A 34 -7.90 -3.40 4.46
N HIS A 35 -6.98 -4.32 4.23
CA HIS A 35 -7.34 -5.66 3.78
C HIS A 35 -7.75 -6.54 4.95
N THR A 36 -7.19 -6.24 6.13
CA THR A 36 -7.49 -7.00 7.34
C THR A 36 -8.37 -6.20 8.28
N GLY A 37 -9.56 -6.72 8.58
CA GLY A 37 -10.47 -6.04 9.48
C GLY A 37 -11.78 -5.68 8.81
N GLU A 38 -11.72 -4.79 7.82
CA GLU A 38 -12.92 -4.37 7.10
C GLU A 38 -13.21 -5.31 5.92
N LYS A 39 -14.49 -5.47 5.61
CA LYS A 39 -14.90 -6.34 4.52
C LYS A 39 -15.42 -5.51 3.35
N PRO A 40 -15.38 -6.11 2.14
CA PRO A 40 -15.84 -5.45 0.91
C PRO A 40 -17.36 -5.28 0.89
N SER A 41 -17.80 -4.06 0.59
CA SER A 41 -19.23 -3.75 0.55
C SER A 41 -19.84 -4.25 -0.76
N GLY A 42 -20.59 -5.35 -0.67
CA GLY A 42 -21.22 -5.92 -1.85
C GLY A 42 -21.17 -7.43 -1.87
N PRO A 43 -21.88 -8.04 -2.82
CA PRO A 43 -21.93 -9.49 -2.97
C PRO A 43 -20.60 -10.08 -3.45
N SER A 44 -19.78 -10.50 -2.50
CA SER A 44 -18.47 -11.07 -2.83
C SER A 44 -18.53 -12.60 -2.82
N SER A 45 -17.65 -13.22 -3.59
CA SER A 45 -17.61 -14.67 -3.69
C SER A 45 -16.19 -15.15 -3.98
N GLY A 46 -16.00 -16.48 -3.97
CA GLY A 46 -14.70 -17.05 -4.23
C GLY A 46 -13.71 -16.77 -3.12
ZN ZN B . -2.94 -3.65 -0.63
N GLY A 1 17.33 10.42 -20.82
CA GLY A 1 16.36 9.37 -20.57
C GLY A 1 16.12 9.16 -19.09
N SER A 2 16.03 7.89 -18.70
CA SER A 2 15.80 7.54 -17.30
C SER A 2 17.12 7.44 -16.54
N SER A 3 17.02 7.29 -15.22
CA SER A 3 18.20 7.19 -14.37
C SER A 3 17.97 6.19 -13.24
N GLY A 4 19.05 5.55 -12.80
CA GLY A 4 18.95 4.58 -11.72
C GLY A 4 18.46 5.19 -10.43
N SER A 5 18.26 4.36 -9.42
CA SER A 5 17.79 4.83 -8.12
C SER A 5 18.94 4.99 -7.14
N SER A 6 18.92 6.08 -6.39
CA SER A 6 19.97 6.36 -5.41
C SER A 6 19.82 5.46 -4.19
N GLY A 7 18.70 5.60 -3.50
CA GLY A 7 18.45 4.80 -2.31
C GLY A 7 17.00 4.83 -1.88
N THR A 8 16.40 6.01 -1.92
CA THR A 8 15.01 6.18 -1.53
C THR A 8 14.17 6.69 -2.69
N GLY A 9 14.44 6.19 -3.89
CA GLY A 9 13.70 6.61 -5.07
C GLY A 9 12.39 5.87 -5.22
N GLU A 10 12.48 4.62 -5.69
CA GLU A 10 11.29 3.80 -5.90
C GLU A 10 10.90 3.08 -4.61
N LYS A 11 9.79 2.37 -4.65
CA LYS A 11 9.30 1.62 -3.50
C LYS A 11 9.52 0.13 -3.68
N PRO A 12 10.47 -0.44 -2.92
CA PRO A 12 10.80 -1.86 -2.98
C PRO A 12 9.69 -2.74 -2.41
N TYR A 13 8.99 -2.23 -1.39
CA TYR A 13 7.90 -2.96 -0.77
C TYR A 13 6.60 -2.79 -1.54
N ARG A 14 6.03 -3.91 -1.96
CA ARG A 14 4.79 -3.90 -2.72
C ARG A 14 3.76 -4.84 -2.11
N CYS A 15 2.61 -4.28 -1.71
CA CYS A 15 1.55 -5.08 -1.11
C CYS A 15 1.26 -6.32 -1.94
N GLY A 16 0.77 -7.37 -1.27
CA GLY A 16 0.46 -8.61 -1.97
C GLY A 16 -1.01 -8.72 -2.31
N GLU A 17 -1.87 -8.15 -1.46
CA GLU A 17 -3.30 -8.20 -1.68
C GLU A 17 -3.69 -7.47 -2.97
N CYS A 18 -3.55 -6.15 -2.96
CA CYS A 18 -3.88 -5.33 -4.12
C CYS A 18 -2.67 -5.17 -5.03
N GLY A 19 -1.51 -4.89 -4.43
CA GLY A 19 -0.30 -4.71 -5.20
C GLY A 19 0.28 -3.32 -5.05
N LYS A 20 -0.14 -2.60 -4.02
CA LYS A 20 0.34 -1.26 -3.77
C LYS A 20 1.85 -1.24 -3.52
N ALA A 21 2.38 -0.08 -3.17
CA ALA A 21 3.80 0.07 -2.91
C ALA A 21 4.07 1.22 -1.94
N PHE A 22 5.22 1.18 -1.29
CA PHE A 22 5.60 2.21 -0.33
C PHE A 22 7.11 2.24 -0.13
N ALA A 23 7.66 3.44 0.03
CA ALA A 23 9.10 3.60 0.24
C ALA A 23 9.52 3.03 1.59
N GLN A 24 8.62 3.12 2.57
CA GLN A 24 8.91 2.61 3.90
C GLN A 24 7.85 1.59 4.34
N LYS A 25 8.28 0.60 5.09
CA LYS A 25 7.37 -0.44 5.58
C LYS A 25 6.25 0.17 6.42
N ALA A 26 6.63 0.96 7.41
CA ALA A 26 5.66 1.61 8.28
C ALA A 26 4.48 2.14 7.49
N ASN A 27 4.74 2.55 6.25
CA ASN A 27 3.69 3.09 5.39
C ASN A 27 2.87 1.96 4.76
N LEU A 28 3.52 0.84 4.50
CA LEU A 28 2.86 -0.32 3.91
C LEU A 28 2.07 -1.10 4.96
N THR A 29 2.76 -1.48 6.03
CA THR A 29 2.13 -2.23 7.11
C THR A 29 0.78 -1.62 7.49
N GLN A 30 0.75 -0.30 7.61
CA GLN A 30 -0.47 0.41 7.97
C GLN A 30 -1.52 0.28 6.88
N HIS A 31 -1.06 0.15 5.64
CA HIS A 31 -1.95 0.01 4.49
C HIS A 31 -2.63 -1.36 4.49
N GLN A 32 -1.85 -2.41 4.73
CA GLN A 32 -2.38 -3.76 4.76
C GLN A 32 -3.58 -3.86 5.68
N ARG A 33 -3.64 -2.97 6.67
CA ARG A 33 -4.74 -2.96 7.62
C ARG A 33 -6.09 -2.84 6.90
N ILE A 34 -6.04 -2.39 5.65
CA ILE A 34 -7.25 -2.23 4.86
C ILE A 34 -7.79 -3.58 4.39
N HIS A 35 -6.88 -4.52 4.16
CA HIS A 35 -7.26 -5.86 3.71
C HIS A 35 -7.52 -6.77 4.90
N THR A 36 -7.94 -6.18 6.02
CA THR A 36 -8.22 -6.95 7.23
C THR A 36 -9.61 -6.63 7.77
N GLY A 37 -10.58 -6.53 6.86
CA GLY A 37 -11.95 -6.23 7.27
C GLY A 37 -12.97 -6.88 6.36
N GLU A 38 -13.49 -8.02 6.79
CA GLU A 38 -14.49 -8.74 6.00
C GLU A 38 -15.90 -8.48 6.53
N LYS A 39 -16.87 -8.38 5.63
CA LYS A 39 -18.26 -8.13 6.01
C LYS A 39 -19.06 -9.42 5.99
N PRO A 40 -19.99 -9.56 6.95
CA PRO A 40 -20.84 -10.74 7.07
C PRO A 40 -21.86 -10.84 5.94
N SER A 41 -21.49 -11.53 4.87
CA SER A 41 -22.38 -11.70 3.72
C SER A 41 -23.37 -12.84 3.95
N GLY A 42 -22.85 -13.97 4.43
CA GLY A 42 -23.71 -15.11 4.68
C GLY A 42 -23.82 -15.44 6.16
N PRO A 43 -23.03 -16.41 6.62
CA PRO A 43 -23.04 -16.84 8.02
C PRO A 43 -22.43 -15.79 8.94
N SER A 44 -23.27 -15.15 9.75
CA SER A 44 -22.82 -14.12 10.68
C SER A 44 -23.00 -14.58 12.12
N SER A 45 -22.46 -13.80 13.06
CA SER A 45 -22.56 -14.12 14.48
C SER A 45 -23.89 -13.65 15.05
N GLY A 46 -24.98 -13.99 14.35
CA GLY A 46 -26.30 -13.59 14.80
C GLY A 46 -27.30 -14.73 14.71
ZN ZN B . -2.97 -3.63 -0.59
N GLY A 1 10.53 20.49 -3.20
CA GLY A 1 11.61 20.29 -2.26
C GLY A 1 12.44 19.07 -2.56
N SER A 2 13.76 19.26 -2.65
CA SER A 2 14.67 18.15 -2.93
C SER A 2 16.12 18.60 -2.82
N SER A 3 16.95 17.77 -2.18
CA SER A 3 18.36 18.09 -2.00
C SER A 3 19.12 17.97 -3.32
N GLY A 4 18.99 16.81 -3.95
CA GLY A 4 19.67 16.59 -5.22
C GLY A 4 19.18 15.34 -5.93
N SER A 5 17.88 15.29 -6.22
CA SER A 5 17.29 14.14 -6.89
C SER A 5 15.92 14.50 -7.46
N SER A 6 15.55 13.82 -8.55
CA SER A 6 14.26 14.07 -9.19
C SER A 6 13.22 13.04 -8.75
N GLY A 7 12.42 13.42 -7.76
CA GLY A 7 11.39 12.53 -7.25
C GLY A 7 11.85 11.75 -6.04
N THR A 8 10.93 11.51 -5.11
CA THR A 8 11.23 10.78 -3.89
C THR A 8 12.11 9.56 -4.18
N GLY A 9 11.66 8.75 -5.14
CA GLY A 9 12.42 7.55 -5.50
C GLY A 9 11.52 6.38 -5.81
N GLU A 10 12.05 5.17 -5.66
CA GLU A 10 11.28 3.96 -5.93
C GLU A 10 10.89 3.26 -4.64
N LYS A 11 9.87 2.41 -4.72
CA LYS A 11 9.40 1.68 -3.55
C LYS A 11 9.58 0.17 -3.74
N PRO A 12 10.54 -0.40 -2.99
CA PRO A 12 10.84 -1.83 -3.06
C PRO A 12 9.73 -2.69 -2.46
N TYR A 13 9.05 -2.15 -1.45
CA TYR A 13 7.96 -2.86 -0.80
C TYR A 13 6.66 -2.73 -1.59
N ARG A 14 6.09 -3.87 -1.96
CA ARG A 14 4.84 -3.88 -2.72
C ARG A 14 3.83 -4.81 -2.08
N CYS A 15 2.68 -4.27 -1.71
CA CYS A 15 1.61 -5.05 -1.08
C CYS A 15 1.34 -6.32 -1.88
N GLY A 16 0.82 -7.34 -1.20
CA GLY A 16 0.52 -8.59 -1.86
C GLY A 16 -0.96 -8.74 -2.20
N GLU A 17 -1.81 -8.16 -1.36
CA GLU A 17 -3.24 -8.22 -1.58
C GLU A 17 -3.64 -7.53 -2.88
N CYS A 18 -3.49 -6.21 -2.91
CA CYS A 18 -3.82 -5.43 -4.09
C CYS A 18 -2.61 -5.28 -5.00
N GLY A 19 -1.46 -5.00 -4.41
CA GLY A 19 -0.24 -4.82 -5.18
C GLY A 19 0.33 -3.43 -5.05
N LYS A 20 -0.11 -2.69 -4.04
CA LYS A 20 0.37 -1.33 -3.82
C LYS A 20 1.86 -1.31 -3.56
N ALA A 21 2.39 -0.13 -3.23
CA ALA A 21 3.81 0.02 -2.96
C ALA A 21 4.06 1.16 -1.97
N PHE A 22 5.22 1.13 -1.33
CA PHE A 22 5.58 2.17 -0.36
C PHE A 22 7.09 2.20 -0.14
N ALA A 23 7.62 3.40 0.05
CA ALA A 23 9.05 3.58 0.27
C ALA A 23 9.47 3.00 1.62
N GLN A 24 8.61 3.14 2.62
CA GLN A 24 8.90 2.63 3.95
C GLN A 24 7.87 1.57 4.37
N LYS A 25 8.33 0.54 5.05
CA LYS A 25 7.46 -0.53 5.51
C LYS A 25 6.32 0.02 6.37
N ALA A 26 6.67 0.78 7.39
CA ALA A 26 5.69 1.38 8.28
C ALA A 26 4.50 1.92 7.50
N ASN A 27 4.77 2.41 6.29
CA ASN A 27 3.72 2.98 5.44
C ASN A 27 2.90 1.86 4.79
N LEU A 28 3.56 0.74 4.49
CA LEU A 28 2.88 -0.39 3.87
C LEU A 28 2.08 -1.18 4.91
N THR A 29 2.73 -1.52 6.01
CA THR A 29 2.08 -2.27 7.08
C THR A 29 0.74 -1.66 7.45
N GLN A 30 0.72 -0.34 7.60
CA GLN A 30 -0.50 0.39 7.95
C GLN A 30 -1.53 0.26 6.85
N HIS A 31 -1.07 0.14 5.61
CA HIS A 31 -1.96 0.02 4.47
C HIS A 31 -2.68 -1.33 4.48
N GLN A 32 -1.92 -2.39 4.72
CA GLN A 32 -2.48 -3.74 4.75
C GLN A 32 -3.69 -3.79 5.67
N ARG A 33 -3.70 -2.92 6.68
CA ARG A 33 -4.81 -2.89 7.64
C ARG A 33 -6.14 -2.73 6.92
N ILE A 34 -6.10 -2.24 5.68
CA ILE A 34 -7.30 -2.05 4.89
C ILE A 34 -7.88 -3.39 4.45
N HIS A 35 -7.01 -4.35 4.17
CA HIS A 35 -7.43 -5.67 3.73
C HIS A 35 -7.83 -6.54 4.92
N THR A 36 -6.99 -6.54 5.95
CA THR A 36 -7.25 -7.33 7.14
C THR A 36 -8.41 -6.74 7.94
N GLY A 37 -9.61 -7.26 7.71
CA GLY A 37 -10.77 -6.77 8.42
C GLY A 37 -11.95 -6.50 7.49
N GLU A 38 -12.71 -5.45 7.79
CA GLU A 38 -13.86 -5.09 6.98
C GLU A 38 -13.46 -4.16 5.84
N LYS A 39 -13.88 -4.50 4.64
CA LYS A 39 -13.56 -3.70 3.45
C LYS A 39 -14.84 -3.19 2.78
N PRO A 40 -14.72 -2.06 2.07
CA PRO A 40 -15.85 -1.45 1.36
C PRO A 40 -16.29 -2.27 0.16
N SER A 41 -17.49 -2.00 -0.33
CA SER A 41 -18.04 -2.72 -1.48
C SER A 41 -18.45 -1.75 -2.58
N GLY A 42 -18.84 -2.29 -3.72
CA GLY A 42 -19.25 -1.47 -4.85
C GLY A 42 -18.34 -1.62 -6.05
N PRO A 43 -17.35 -0.73 -6.16
CA PRO A 43 -16.38 -0.75 -7.26
C PRO A 43 -15.43 -1.93 -7.18
N SER A 44 -14.84 -2.30 -8.31
CA SER A 44 -13.92 -3.42 -8.37
C SER A 44 -12.53 -2.96 -8.82
N SER A 45 -11.56 -3.04 -7.92
CA SER A 45 -10.19 -2.63 -8.23
C SER A 45 -9.25 -3.84 -8.26
N GLY A 46 -8.30 -3.81 -9.18
CA GLY A 46 -7.35 -4.91 -9.29
C GLY A 46 -7.98 -6.15 -9.90
ZN ZN B . -2.96 -3.68 -0.60
N GLY A 1 26.30 -6.03 -13.26
CA GLY A 1 24.94 -5.57 -13.08
C GLY A 1 24.87 -4.31 -12.25
N SER A 2 25.72 -3.34 -12.57
CA SER A 2 25.75 -2.07 -11.85
C SER A 2 24.94 -1.01 -12.58
N SER A 3 23.73 -0.76 -12.09
CA SER A 3 22.86 0.24 -12.69
C SER A 3 21.68 0.56 -11.78
N GLY A 4 21.10 1.73 -11.96
CA GLY A 4 19.96 2.14 -11.14
C GLY A 4 20.33 2.28 -9.68
N SER A 5 21.42 2.98 -9.40
CA SER A 5 21.88 3.18 -8.03
C SER A 5 21.28 4.45 -7.44
N SER A 6 20.03 4.37 -7.00
CA SER A 6 19.35 5.52 -6.43
C SER A 6 18.96 5.24 -4.98
N GLY A 7 19.66 5.87 -4.04
CA GLY A 7 19.37 5.68 -2.64
C GLY A 7 17.89 5.65 -2.35
N THR A 8 17.29 6.83 -2.21
CA THR A 8 15.87 6.94 -1.93
C THR A 8 15.09 7.41 -3.16
N GLY A 9 14.14 6.61 -3.61
CA GLY A 9 13.34 6.96 -4.77
C GLY A 9 12.13 6.07 -4.94
N GLU A 10 12.31 4.95 -5.65
CA GLU A 10 11.23 4.01 -5.89
C GLU A 10 10.84 3.29 -4.60
N LYS A 11 9.80 2.47 -4.68
CA LYS A 11 9.33 1.71 -3.52
C LYS A 11 9.54 0.22 -3.73
N PRO A 12 10.50 -0.35 -2.99
CA PRO A 12 10.83 -1.78 -3.06
C PRO A 12 9.72 -2.65 -2.48
N TYR A 13 9.06 -2.15 -1.45
CA TYR A 13 7.97 -2.89 -0.80
C TYR A 13 6.67 -2.74 -1.58
N ARG A 14 6.09 -3.88 -1.98
CA ARG A 14 4.85 -3.87 -2.73
C ARG A 14 3.82 -4.80 -2.08
N CYS A 15 2.67 -4.24 -1.71
CA CYS A 15 1.61 -5.01 -1.08
C CYS A 15 1.32 -6.29 -1.87
N GLY A 16 0.84 -7.30 -1.17
CA GLY A 16 0.53 -8.57 -1.81
C GLY A 16 -0.95 -8.71 -2.14
N GLU A 17 -1.80 -8.11 -1.30
CA GLU A 17 -3.24 -8.18 -1.51
C GLU A 17 -3.64 -7.52 -2.82
N CYS A 18 -3.48 -6.20 -2.89
CA CYS A 18 -3.84 -5.44 -4.08
C CYS A 18 -2.62 -5.30 -5.00
N GLY A 19 -1.46 -5.01 -4.40
CA GLY A 19 -0.25 -4.84 -5.17
C GLY A 19 0.33 -3.44 -5.06
N LYS A 20 -0.13 -2.70 -4.06
CA LYS A 20 0.34 -1.33 -3.85
C LYS A 20 1.84 -1.32 -3.55
N ALA A 21 2.37 -0.13 -3.29
CA ALA A 21 3.79 0.02 -2.99
C ALA A 21 4.02 1.14 -1.98
N PHE A 22 5.16 1.09 -1.30
CA PHE A 22 5.51 2.10 -0.30
C PHE A 22 7.01 2.16 -0.08
N ALA A 23 7.54 3.38 0.00
CA ALA A 23 8.97 3.57 0.21
C ALA A 23 9.42 2.96 1.53
N GLN A 24 8.60 3.10 2.56
CA GLN A 24 8.91 2.55 3.88
C GLN A 24 7.90 1.49 4.28
N LYS A 25 8.34 0.53 5.09
CA LYS A 25 7.47 -0.54 5.55
C LYS A 25 6.34 0.01 6.41
N ALA A 26 6.71 0.81 7.42
CA ALA A 26 5.72 1.40 8.32
C ALA A 26 4.54 1.98 7.53
N ASN A 27 4.82 2.46 6.33
CA ASN A 27 3.79 3.04 5.48
C ASN A 27 2.95 1.96 4.81
N LEU A 28 3.57 0.80 4.56
CA LEU A 28 2.89 -0.31 3.93
C LEU A 28 2.09 -1.11 4.96
N THR A 29 2.76 -1.53 6.02
CA THR A 29 2.10 -2.30 7.08
C THR A 29 0.78 -1.67 7.48
N GLN A 30 0.76 -0.34 7.56
CA GLN A 30 -0.44 0.38 7.94
C GLN A 30 -1.50 0.28 6.85
N HIS A 31 -1.06 0.08 5.61
CA HIS A 31 -1.97 -0.03 4.48
C HIS A 31 -2.66 -1.39 4.48
N GLN A 32 -1.89 -2.44 4.76
CA GLN A 32 -2.43 -3.79 4.79
C GLN A 32 -3.68 -3.87 5.66
N ARG A 33 -3.75 -3.00 6.66
CA ARG A 33 -4.90 -2.97 7.57
C ARG A 33 -6.20 -2.81 6.79
N ILE A 34 -6.10 -2.21 5.60
CA ILE A 34 -7.28 -1.99 4.76
C ILE A 34 -7.84 -3.31 4.26
N HIS A 35 -6.99 -4.33 4.18
CA HIS A 35 -7.41 -5.66 3.73
C HIS A 35 -7.83 -6.53 4.90
N THR A 36 -6.99 -6.56 5.93
CA THR A 36 -7.27 -7.36 7.12
C THR A 36 -8.21 -6.64 8.07
N GLY A 37 -7.98 -5.33 8.25
CA GLY A 37 -8.82 -4.55 9.12
C GLY A 37 -9.79 -3.66 8.36
N GLU A 38 -10.88 -4.26 7.87
CA GLU A 38 -11.87 -3.53 7.12
C GLU A 38 -13.22 -3.54 7.84
N LYS A 39 -13.19 -3.93 9.12
CA LYS A 39 -14.41 -3.98 9.92
C LYS A 39 -14.22 -3.23 11.24
N PRO A 40 -15.32 -2.68 11.77
CA PRO A 40 -15.31 -1.92 13.03
C PRO A 40 -15.06 -2.83 14.23
N SER A 41 -14.02 -2.50 15.00
CA SER A 41 -13.68 -3.28 16.18
C SER A 41 -14.41 -2.75 17.42
N GLY A 42 -15.09 -3.64 18.12
CA GLY A 42 -15.82 -3.26 19.31
C GLY A 42 -17.29 -2.97 19.02
N PRO A 43 -18.13 -3.14 20.05
CA PRO A 43 -19.58 -2.91 19.92
C PRO A 43 -19.91 -1.43 19.75
N SER A 44 -18.93 -0.57 19.96
CA SER A 44 -19.12 0.87 19.83
C SER A 44 -19.09 1.29 18.37
N SER A 45 -20.11 2.04 17.95
CA SER A 45 -20.20 2.51 16.58
C SER A 45 -19.50 3.85 16.41
N GLY A 46 -18.39 3.84 15.67
CA GLY A 46 -17.65 5.06 15.44
C GLY A 46 -16.57 5.28 16.48
ZN ZN B . -2.99 -3.66 -0.62
N GLY A 1 -2.36 12.88 -7.57
CA GLY A 1 -2.32 14.31 -7.85
C GLY A 1 -1.43 14.63 -9.04
N SER A 2 -1.86 15.59 -9.85
CA SER A 2 -1.09 15.99 -11.04
C SER A 2 -0.06 17.06 -10.68
N SER A 3 -0.49 18.07 -9.93
CA SER A 3 0.41 19.15 -9.53
C SER A 3 0.76 19.04 -8.05
N GLY A 4 2.03 19.25 -7.73
CA GLY A 4 2.48 19.18 -6.35
C GLY A 4 3.77 18.41 -6.20
N SER A 5 4.37 18.48 -5.02
CA SER A 5 5.62 17.79 -4.75
C SER A 5 5.38 16.33 -4.41
N SER A 6 5.70 15.44 -5.35
CA SER A 6 5.51 14.01 -5.14
C SER A 6 6.44 13.20 -6.04
N GLY A 7 6.98 12.11 -5.51
CA GLY A 7 7.88 11.27 -6.27
C GLY A 7 9.19 11.02 -5.54
N THR A 8 9.17 10.08 -4.60
CA THR A 8 10.37 9.75 -3.84
C THR A 8 10.99 8.45 -4.33
N GLY A 9 12.01 8.57 -5.18
CA GLY A 9 12.69 7.41 -5.71
C GLY A 9 11.72 6.28 -6.05
N GLU A 10 12.08 5.07 -5.67
CA GLU A 10 11.23 3.91 -5.94
C GLU A 10 10.85 3.20 -4.64
N LYS A 11 9.81 2.37 -4.71
CA LYS A 11 9.34 1.64 -3.54
C LYS A 11 9.56 0.13 -3.71
N PRO A 12 10.50 -0.43 -2.95
CA PRO A 12 10.83 -1.85 -3.01
C PRO A 12 9.71 -2.72 -2.43
N TYR A 13 9.05 -2.21 -1.40
CA TYR A 13 7.97 -2.94 -0.75
C TYR A 13 6.66 -2.78 -1.53
N ARG A 14 6.08 -3.89 -1.95
CA ARG A 14 4.83 -3.87 -2.70
C ARG A 14 3.80 -4.81 -2.07
N CYS A 15 2.64 -4.26 -1.73
CA CYS A 15 1.58 -5.05 -1.12
C CYS A 15 1.29 -6.31 -1.94
N GLY A 16 0.79 -7.35 -1.28
CA GLY A 16 0.49 -8.59 -1.96
C GLY A 16 -0.98 -8.72 -2.29
N GLU A 17 -1.83 -8.15 -1.44
CA GLU A 17 -3.28 -8.21 -1.65
C GLU A 17 -3.67 -7.51 -2.95
N CYS A 18 -3.51 -6.20 -2.97
CA CYS A 18 -3.86 -5.40 -4.16
C CYS A 18 -2.64 -5.23 -5.06
N GLY A 19 -1.49 -4.93 -4.45
CA GLY A 19 -0.28 -4.73 -5.21
C GLY A 19 0.30 -3.34 -5.05
N LYS A 20 -0.15 -2.64 -4.01
CA LYS A 20 0.33 -1.29 -3.74
C LYS A 20 1.83 -1.28 -3.45
N ALA A 21 2.38 -0.10 -3.22
CA ALA A 21 3.80 0.04 -2.93
C ALA A 21 4.05 1.16 -1.92
N PHE A 22 5.21 1.13 -1.28
CA PHE A 22 5.57 2.13 -0.30
C PHE A 22 7.08 2.17 -0.07
N ALA A 23 7.63 3.38 0.02
CA ALA A 23 9.06 3.55 0.23
C ALA A 23 9.51 2.92 1.55
N GLN A 24 8.66 3.03 2.57
CA GLN A 24 8.97 2.48 3.88
C GLN A 24 7.92 1.45 4.29
N LYS A 25 8.30 0.54 5.18
CA LYS A 25 7.40 -0.50 5.66
C LYS A 25 6.27 0.11 6.47
N ALA A 26 6.63 0.90 7.48
CA ALA A 26 5.64 1.54 8.34
C ALA A 26 4.48 2.11 7.52
N ASN A 27 4.79 2.52 6.29
CA ASN A 27 3.77 3.08 5.40
C ASN A 27 2.93 1.97 4.77
N LEU A 28 3.56 0.83 4.51
CA LEU A 28 2.88 -0.30 3.91
C LEU A 28 2.07 -1.07 4.96
N THR A 29 2.73 -1.48 6.03
CA THR A 29 2.07 -2.21 7.10
C THR A 29 0.74 -1.57 7.47
N GLN A 30 0.73 -0.24 7.55
CA GLN A 30 -0.48 0.50 7.89
C GLN A 30 -1.53 0.36 6.79
N HIS A 31 -1.08 0.16 5.56
CA HIS A 31 -1.98 0.00 4.43
C HIS A 31 -2.66 -1.36 4.45
N GLN A 32 -1.87 -2.41 4.72
CA GLN A 32 -2.40 -3.76 4.76
C GLN A 32 -3.62 -3.84 5.68
N ARG A 33 -3.65 -2.97 6.69
CA ARG A 33 -4.76 -2.95 7.63
C ARG A 33 -6.09 -2.81 6.91
N ILE A 34 -6.04 -2.33 5.67
CA ILE A 34 -7.25 -2.15 4.87
C ILE A 34 -7.81 -3.49 4.41
N HIS A 35 -6.92 -4.45 4.19
CA HIS A 35 -7.31 -5.78 3.75
C HIS A 35 -7.66 -6.67 4.93
N THR A 36 -8.05 -6.05 6.04
CA THR A 36 -8.40 -6.79 7.25
C THR A 36 -9.70 -6.28 7.85
N GLY A 37 -10.39 -7.14 8.59
CA GLY A 37 -11.65 -6.76 9.20
C GLY A 37 -12.73 -6.45 8.18
N GLU A 38 -13.62 -5.52 8.51
CA GLU A 38 -14.70 -5.15 7.62
C GLU A 38 -14.47 -3.75 7.04
N LYS A 39 -14.95 -3.54 5.82
CA LYS A 39 -14.80 -2.25 5.15
C LYS A 39 -16.15 -1.66 4.77
N PRO A 40 -16.22 -0.32 4.70
CA PRO A 40 -17.46 0.38 4.35
C PRO A 40 -17.84 0.18 2.89
N SER A 41 -19.15 0.09 2.63
CA SER A 41 -19.64 -0.11 1.27
C SER A 41 -20.03 1.23 0.64
N GLY A 42 -19.34 1.61 -0.42
CA GLY A 42 -19.64 2.86 -1.10
C GLY A 42 -19.64 4.04 -0.16
N PRO A 43 -18.45 4.61 0.08
CA PRO A 43 -18.29 5.76 0.97
C PRO A 43 -18.90 7.03 0.39
N SER A 44 -18.81 7.19 -0.92
CA SER A 44 -19.36 8.36 -1.61
C SER A 44 -19.08 9.63 -0.80
N SER A 45 -17.84 9.78 -0.37
CA SER A 45 -17.44 10.95 0.42
C SER A 45 -18.37 11.15 1.60
N GLY A 46 -18.72 10.05 2.26
CA GLY A 46 -19.61 10.14 3.41
C GLY A 46 -18.94 10.74 4.63
ZN ZN B . -3.00 -3.67 -0.65
N GLY A 1 5.70 15.65 -0.68
CA GLY A 1 4.62 16.61 -0.51
C GLY A 1 3.27 15.94 -0.35
N SER A 2 2.61 15.66 -1.47
CA SER A 2 1.30 15.03 -1.45
C SER A 2 1.37 13.63 -2.06
N SER A 3 0.41 12.79 -1.69
CA SER A 3 0.36 11.41 -2.18
C SER A 3 -0.43 11.35 -3.49
N GLY A 4 -0.32 10.20 -4.17
CA GLY A 4 -1.03 10.03 -5.44
C GLY A 4 -0.14 10.26 -6.64
N SER A 5 0.24 11.52 -6.86
CA SER A 5 1.09 11.87 -7.99
C SER A 5 2.52 11.37 -7.77
N SER A 6 2.75 10.10 -8.09
CA SER A 6 4.07 9.50 -7.92
C SER A 6 5.17 10.52 -8.22
N GLY A 7 6.16 10.56 -7.34
CA GLY A 7 7.26 11.50 -7.51
C GLY A 7 8.59 10.79 -7.73
N THR A 8 9.61 11.22 -6.99
CA THR A 8 10.94 10.63 -7.12
C THR A 8 11.13 9.51 -6.10
N GLY A 9 12.03 8.58 -6.43
CA GLY A 9 12.29 7.46 -5.53
C GLY A 9 11.31 6.33 -5.72
N GLU A 10 11.83 5.12 -5.93
CA GLU A 10 10.99 3.94 -6.12
C GLU A 10 10.71 3.25 -4.79
N LYS A 11 9.70 2.39 -4.78
CA LYS A 11 9.33 1.65 -3.57
C LYS A 11 9.56 0.16 -3.76
N PRO A 12 10.50 -0.41 -2.99
CA PRO A 12 10.84 -1.83 -3.05
C PRO A 12 9.72 -2.71 -2.49
N TYR A 13 9.06 -2.21 -1.45
CA TYR A 13 7.97 -2.96 -0.81
C TYR A 13 6.67 -2.79 -1.59
N ARG A 14 6.08 -3.92 -1.99
CA ARG A 14 4.84 -3.90 -2.75
C ARG A 14 3.81 -4.84 -2.13
N CYS A 15 2.68 -4.28 -1.71
CA CYS A 15 1.62 -5.07 -1.11
C CYS A 15 1.33 -6.33 -1.92
N GLY A 16 0.84 -7.36 -1.25
CA GLY A 16 0.54 -8.62 -1.94
C GLY A 16 -0.94 -8.74 -2.25
N GLU A 17 -1.79 -8.17 -1.40
CA GLU A 17 -3.23 -8.23 -1.60
C GLU A 17 -3.64 -7.54 -2.89
N CYS A 18 -3.48 -6.22 -2.92
CA CYS A 18 -3.82 -5.43 -4.09
C CYS A 18 -2.62 -5.26 -5.02
N GLY A 19 -1.47 -4.97 -4.43
CA GLY A 19 -0.25 -4.79 -5.21
C GLY A 19 0.31 -3.39 -5.07
N LYS A 20 -0.11 -2.68 -4.04
CA LYS A 20 0.37 -1.32 -3.80
C LYS A 20 1.87 -1.30 -3.53
N ALA A 21 2.39 -0.13 -3.20
CA ALA A 21 3.82 0.02 -2.91
C ALA A 21 4.05 1.13 -1.90
N PHE A 22 5.21 1.08 -1.23
CA PHE A 22 5.56 2.08 -0.24
C PHE A 22 7.07 2.14 -0.03
N ALA A 23 7.60 3.36 0.12
CA ALA A 23 9.03 3.54 0.32
C ALA A 23 9.47 2.99 1.66
N GLN A 24 8.59 3.08 2.66
CA GLN A 24 8.89 2.58 3.99
C GLN A 24 7.87 1.54 4.43
N LYS A 25 8.32 0.56 5.20
CA LYS A 25 7.45 -0.50 5.70
C LYS A 25 6.32 0.08 6.54
N ALA A 26 6.68 0.88 7.54
CA ALA A 26 5.70 1.50 8.42
C ALA A 26 4.52 2.07 7.61
N ASN A 27 4.81 2.49 6.40
CA ASN A 27 3.78 3.06 5.52
C ASN A 27 2.97 1.95 4.85
N LEU A 28 3.62 0.82 4.61
CA LEU A 28 2.97 -0.32 3.96
C LEU A 28 2.15 -1.12 4.97
N THR A 29 2.80 -1.54 6.04
CA THR A 29 2.14 -2.33 7.08
C THR A 29 0.79 -1.71 7.46
N GLN A 30 0.77 -0.38 7.58
CA GLN A 30 -0.44 0.33 7.94
C GLN A 30 -1.48 0.23 6.83
N HIS A 31 -1.01 0.14 5.58
CA HIS A 31 -1.90 0.03 4.43
C HIS A 31 -2.61 -1.32 4.43
N GLN A 32 -1.88 -2.38 4.74
CA GLN A 32 -2.44 -3.72 4.77
C GLN A 32 -3.65 -3.79 5.71
N ARG A 33 -3.74 -2.82 6.61
CA ARG A 33 -4.85 -2.77 7.56
C ARG A 33 -6.18 -2.62 6.84
N ILE A 34 -6.12 -2.24 5.56
CA ILE A 34 -7.32 -2.05 4.76
C ILE A 34 -7.88 -3.39 4.31
N HIS A 35 -6.99 -4.36 4.07
CA HIS A 35 -7.41 -5.69 3.62
C HIS A 35 -7.76 -6.57 4.81
N THR A 36 -8.15 -5.93 5.92
CA THR A 36 -8.52 -6.66 7.13
C THR A 36 -9.86 -6.18 7.67
N GLY A 37 -10.63 -7.12 8.23
CA GLY A 37 -11.93 -6.77 8.78
C GLY A 37 -12.90 -6.27 7.73
N GLU A 38 -13.64 -5.22 8.05
CA GLU A 38 -14.61 -4.65 7.13
C GLU A 38 -13.93 -4.24 5.82
N LYS A 39 -14.18 -5.01 4.76
CA LYS A 39 -13.59 -4.73 3.46
C LYS A 39 -14.67 -4.61 2.39
N PRO A 40 -14.53 -3.60 1.52
CA PRO A 40 -15.50 -3.35 0.44
C PRO A 40 -15.44 -4.43 -0.64
N SER A 41 -16.58 -5.07 -0.90
CA SER A 41 -16.65 -6.12 -1.90
C SER A 41 -16.32 -5.58 -3.28
N GLY A 42 -15.50 -6.32 -4.03
CA GLY A 42 -15.12 -5.90 -5.36
C GLY A 42 -13.85 -6.56 -5.84
N PRO A 43 -13.53 -6.38 -7.13
CA PRO A 43 -12.34 -6.96 -7.74
C PRO A 43 -11.05 -6.31 -7.24
N SER A 44 -9.92 -6.81 -7.71
CA SER A 44 -8.62 -6.27 -7.31
C SER A 44 -8.39 -4.89 -7.91
N SER A 45 -7.27 -4.27 -7.56
CA SER A 45 -6.93 -2.94 -8.05
C SER A 45 -5.43 -2.78 -8.19
N GLY A 46 -5.01 -1.78 -8.97
CA GLY A 46 -3.59 -1.53 -9.16
C GLY A 46 -3.28 -0.07 -9.42
ZN ZN B . -2.91 -3.65 -0.61
N GLY A 1 18.87 -2.04 -15.26
CA GLY A 1 19.11 -0.64 -15.57
C GLY A 1 20.56 -0.37 -15.90
N SER A 2 20.84 0.86 -16.34
CA SER A 2 22.20 1.24 -16.70
C SER A 2 22.70 2.38 -15.81
N SER A 3 23.88 2.21 -15.24
CA SER A 3 24.46 3.22 -14.36
C SER A 3 24.63 4.53 -15.09
N GLY A 4 24.01 5.59 -14.56
CA GLY A 4 24.10 6.90 -15.19
C GLY A 4 23.22 7.93 -14.52
N SER A 5 21.92 7.64 -14.47
CA SER A 5 20.96 8.55 -13.86
C SER A 5 21.49 9.08 -12.53
N SER A 6 21.08 10.30 -12.18
CA SER A 6 21.51 10.92 -10.93
C SER A 6 21.16 10.04 -9.74
N GLY A 7 19.86 9.84 -9.51
CA GLY A 7 19.42 9.02 -8.40
C GLY A 7 18.07 8.36 -8.67
N THR A 8 17.78 7.31 -7.91
CA THR A 8 16.52 6.59 -8.08
C THR A 8 15.79 6.46 -6.74
N GLY A 9 14.52 6.85 -6.73
CA GLY A 9 13.73 6.76 -5.51
C GLY A 9 12.41 6.05 -5.72
N GLU A 10 12.44 4.73 -5.78
CA GLU A 10 11.24 3.94 -6.00
C GLU A 10 10.84 3.21 -4.71
N LYS A 11 9.71 2.52 -4.76
CA LYS A 11 9.22 1.78 -3.60
C LYS A 11 9.47 0.28 -3.77
N PRO A 12 10.41 -0.25 -2.98
CA PRO A 12 10.76 -1.67 -3.01
C PRO A 12 9.66 -2.56 -2.45
N TYR A 13 9.03 -2.11 -1.38
CA TYR A 13 7.96 -2.87 -0.75
C TYR A 13 6.66 -2.73 -1.54
N ARG A 14 6.11 -3.86 -1.95
CA ARG A 14 4.86 -3.86 -2.71
C ARG A 14 3.84 -4.80 -2.07
N CYS A 15 2.69 -4.25 -1.69
CA CYS A 15 1.63 -5.02 -1.07
C CYS A 15 1.36 -6.30 -1.86
N GLY A 16 0.85 -7.32 -1.19
CA GLY A 16 0.55 -8.58 -1.85
C GLY A 16 -0.92 -8.72 -2.18
N GLU A 17 -1.77 -8.14 -1.35
CA GLU A 17 -3.22 -8.21 -1.55
C GLU A 17 -3.61 -7.52 -2.86
N CYS A 18 -3.46 -6.19 -2.89
CA CYS A 18 -3.80 -5.43 -4.08
C CYS A 18 -2.59 -5.27 -4.99
N GLY A 19 -1.44 -4.99 -4.40
CA GLY A 19 -0.22 -4.81 -5.17
C GLY A 19 0.35 -3.42 -5.06
N LYS A 20 -0.08 -2.68 -4.04
CA LYS A 20 0.38 -1.32 -3.83
C LYS A 20 1.87 -1.29 -3.54
N ALA A 21 2.39 -0.12 -3.22
CA ALA A 21 3.81 0.04 -2.93
C ALA A 21 4.04 1.15 -1.90
N PHE A 22 5.19 1.11 -1.23
CA PHE A 22 5.51 2.11 -0.22
C PHE A 22 7.03 2.15 0.03
N ALA A 23 7.60 3.34 -0.04
CA ALA A 23 9.03 3.52 0.18
C ALA A 23 9.45 2.94 1.51
N GLN A 24 8.60 3.09 2.52
CA GLN A 24 8.89 2.59 3.85
C GLN A 24 7.87 1.53 4.27
N LYS A 25 8.32 0.54 5.04
CA LYS A 25 7.46 -0.52 5.50
C LYS A 25 6.33 0.03 6.37
N ALA A 26 6.69 0.79 7.39
CA ALA A 26 5.71 1.38 8.30
C ALA A 26 4.50 1.93 7.52
N ASN A 27 4.77 2.44 6.32
CA ASN A 27 3.72 3.00 5.47
C ASN A 27 2.89 1.89 4.84
N LEU A 28 3.55 0.77 4.53
CA LEU A 28 2.87 -0.36 3.92
C LEU A 28 2.09 -1.16 4.96
N THR A 29 2.79 -1.57 6.02
CA THR A 29 2.16 -2.33 7.09
C THR A 29 0.82 -1.74 7.48
N GLN A 30 0.78 -0.42 7.61
CA GLN A 30 -0.46 0.27 7.98
C GLN A 30 -1.50 0.16 6.88
N HIS A 31 -1.03 0.09 5.63
CA HIS A 31 -1.92 -0.01 4.49
C HIS A 31 -2.62 -1.37 4.46
N GLN A 32 -1.89 -2.42 4.83
CA GLN A 32 -2.44 -3.76 4.86
C GLN A 32 -3.67 -3.83 5.74
N ARG A 33 -3.80 -2.86 6.65
CA ARG A 33 -4.94 -2.82 7.57
C ARG A 33 -6.25 -2.68 6.80
N ILE A 34 -6.16 -2.20 5.57
CA ILE A 34 -7.33 -2.01 4.73
C ILE A 34 -7.90 -3.35 4.27
N HIS A 35 -7.02 -4.34 4.13
CA HIS A 35 -7.42 -5.67 3.70
C HIS A 35 -7.80 -6.53 4.89
N THR A 36 -8.31 -5.90 5.94
CA THR A 36 -8.72 -6.61 7.15
C THR A 36 -10.11 -6.20 7.60
N GLY A 37 -10.88 -7.15 8.10
CA GLY A 37 -12.22 -6.86 8.56
C GLY A 37 -13.05 -8.12 8.79
N GLU A 38 -14.16 -7.98 9.50
CA GLU A 38 -15.03 -9.10 9.79
C GLU A 38 -16.06 -9.30 8.67
N LYS A 39 -15.80 -8.68 7.53
CA LYS A 39 -16.69 -8.78 6.39
C LYS A 39 -16.07 -9.61 5.28
N PRO A 40 -16.90 -10.42 4.59
CA PRO A 40 -16.45 -11.28 3.50
C PRO A 40 -16.05 -10.49 2.26
N SER A 41 -15.10 -11.01 1.50
CA SER A 41 -14.63 -10.35 0.29
C SER A 41 -14.90 -11.21 -0.93
N GLY A 42 -15.20 -12.48 -0.70
CA GLY A 42 -15.47 -13.39 -1.80
C GLY A 42 -15.46 -14.84 -1.37
N PRO A 43 -15.25 -15.76 -2.33
CA PRO A 43 -15.22 -17.20 -2.06
C PRO A 43 -13.98 -17.61 -1.27
N SER A 44 -14.08 -18.74 -0.58
CA SER A 44 -12.97 -19.24 0.23
C SER A 44 -12.12 -20.21 -0.58
N SER A 45 -10.85 -19.88 -0.74
CA SER A 45 -9.92 -20.72 -1.50
C SER A 45 -9.31 -21.80 -0.61
N GLY A 46 -8.99 -22.94 -1.20
CA GLY A 46 -8.41 -24.03 -0.44
C GLY A 46 -6.90 -24.04 -0.51
ZN ZN B . -2.92 -3.64 -0.61
N GLY A 1 0.91 27.33 2.34
CA GLY A 1 1.35 26.13 3.03
C GLY A 1 2.72 25.66 2.53
N SER A 2 3.20 24.57 3.12
CA SER A 2 4.49 24.02 2.75
C SER A 2 4.34 22.63 2.12
N SER A 3 4.55 22.55 0.81
CA SER A 3 4.42 21.29 0.09
C SER A 3 5.61 21.08 -0.84
N GLY A 4 5.80 19.83 -1.27
CA GLY A 4 6.90 19.52 -2.17
C GLY A 4 6.77 18.14 -2.78
N SER A 5 7.90 17.58 -3.20
CA SER A 5 7.91 16.25 -3.82
C SER A 5 8.10 15.17 -2.77
N SER A 6 7.83 13.93 -3.15
CA SER A 6 7.98 12.79 -2.24
C SER A 6 8.27 11.51 -3.02
N GLY A 7 9.33 10.82 -2.63
CA GLY A 7 9.71 9.59 -3.30
C GLY A 7 11.14 9.18 -3.01
N THR A 8 12.06 10.12 -3.16
CA THR A 8 13.47 9.85 -2.92
C THR A 8 13.85 8.43 -3.35
N GLY A 9 13.31 8.01 -4.48
CA GLY A 9 13.59 6.68 -4.99
C GLY A 9 12.34 5.84 -5.16
N GLU A 10 12.49 4.69 -5.81
CA GLU A 10 11.36 3.79 -6.03
C GLU A 10 10.97 3.07 -4.74
N LYS A 11 9.80 2.44 -4.75
CA LYS A 11 9.31 1.71 -3.58
C LYS A 11 9.52 0.21 -3.76
N PRO A 12 10.47 -0.35 -2.99
CA PRO A 12 10.78 -1.79 -3.05
C PRO A 12 9.66 -2.64 -2.46
N TYR A 13 9.03 -2.14 -1.41
CA TYR A 13 7.94 -2.86 -0.75
C TYR A 13 6.64 -2.72 -1.55
N ARG A 14 6.07 -3.87 -1.93
CA ARG A 14 4.83 -3.88 -2.70
C ARG A 14 3.81 -4.82 -2.07
N CYS A 15 2.64 -4.29 -1.73
CA CYS A 15 1.58 -5.08 -1.12
C CYS A 15 1.31 -6.34 -1.94
N GLY A 16 0.76 -7.36 -1.28
CA GLY A 16 0.45 -8.60 -1.96
C GLY A 16 -1.01 -8.72 -2.32
N GLU A 17 -1.88 -8.16 -1.47
CA GLU A 17 -3.32 -8.20 -1.69
C GLU A 17 -3.69 -7.49 -2.99
N CYS A 18 -3.52 -6.17 -3.00
CA CYS A 18 -3.84 -5.36 -4.16
C CYS A 18 -2.61 -5.20 -5.06
N GLY A 19 -1.46 -4.93 -4.44
CA GLY A 19 -0.23 -4.76 -5.19
C GLY A 19 0.34 -3.36 -5.06
N LYS A 20 -0.11 -2.64 -4.03
CA LYS A 20 0.36 -1.29 -3.79
C LYS A 20 1.87 -1.27 -3.53
N ALA A 21 2.39 -0.10 -3.19
CA ALA A 21 3.81 0.05 -2.92
C ALA A 21 4.07 1.20 -1.93
N PHE A 22 5.23 1.16 -1.29
CA PHE A 22 5.59 2.19 -0.32
C PHE A 22 7.10 2.23 -0.09
N ALA A 23 7.65 3.42 0.02
CA ALA A 23 9.08 3.60 0.23
C ALA A 23 9.52 2.97 1.55
N GLN A 24 8.66 3.06 2.56
CA GLN A 24 8.96 2.49 3.87
C GLN A 24 7.92 1.45 4.27
N LYS A 25 8.29 0.59 5.20
CA LYS A 25 7.39 -0.46 5.67
C LYS A 25 6.25 0.14 6.49
N ALA A 26 6.59 0.93 7.49
CA ALA A 26 5.60 1.56 8.35
C ALA A 26 4.43 2.09 7.53
N ASN A 27 4.71 2.52 6.30
CA ASN A 27 3.69 3.05 5.42
C ASN A 27 2.87 1.92 4.79
N LEU A 28 3.53 0.80 4.53
CA LEU A 28 2.87 -0.36 3.93
C LEU A 28 2.07 -1.13 4.97
N THR A 29 2.72 -1.48 6.07
CA THR A 29 2.06 -2.22 7.15
C THR A 29 0.74 -1.57 7.52
N GLN A 30 0.73 -0.25 7.58
CA GLN A 30 -0.48 0.50 7.93
C GLN A 30 -1.52 0.38 6.83
N HIS A 31 -1.07 0.11 5.61
CA HIS A 31 -1.97 -0.03 4.48
C HIS A 31 -2.67 -1.38 4.49
N GLN A 32 -1.90 -2.43 4.75
CA GLN A 32 -2.45 -3.78 4.80
C GLN A 32 -3.68 -3.85 5.70
N ARG A 33 -3.67 -3.03 6.75
CA ARG A 33 -4.79 -3.00 7.69
C ARG A 33 -6.12 -2.89 6.96
N ILE A 34 -6.08 -2.34 5.75
CA ILE A 34 -7.28 -2.19 4.94
C ILE A 34 -7.82 -3.54 4.49
N HIS A 35 -6.90 -4.46 4.15
CA HIS A 35 -7.28 -5.79 3.70
C HIS A 35 -7.63 -6.68 4.90
N THR A 36 -6.75 -6.71 5.88
CA THR A 36 -6.95 -7.52 7.07
C THR A 36 -8.05 -6.94 7.95
N GLY A 37 -8.69 -7.81 8.74
CA GLY A 37 -9.75 -7.36 9.61
C GLY A 37 -9.95 -8.27 10.81
N GLU A 38 -10.21 -9.54 10.55
CA GLU A 38 -10.41 -10.52 11.62
C GLU A 38 -11.73 -10.26 12.35
N LYS A 39 -12.77 -9.95 11.58
CA LYS A 39 -14.08 -9.68 12.16
C LYS A 39 -14.87 -10.97 12.34
N PRO A 40 -15.72 -11.00 13.38
CA PRO A 40 -16.55 -12.17 13.69
C PRO A 40 -17.65 -12.39 12.65
N SER A 41 -17.44 -13.36 11.78
CA SER A 41 -18.40 -13.67 10.73
C SER A 41 -19.56 -14.50 11.29
N GLY A 42 -20.78 -14.18 10.86
CA GLY A 42 -21.94 -14.90 11.34
C GLY A 42 -22.50 -15.84 10.29
N PRO A 43 -23.51 -15.37 9.53
CA PRO A 43 -24.15 -16.16 8.48
C PRO A 43 -23.24 -16.39 7.29
N SER A 44 -23.38 -17.55 6.65
CA SER A 44 -22.55 -17.89 5.49
C SER A 44 -22.60 -16.77 4.45
N SER A 45 -21.52 -16.01 4.37
CA SER A 45 -21.43 -14.91 3.41
C SER A 45 -21.82 -15.37 2.02
N GLY A 46 -22.51 -14.51 1.27
CA GLY A 46 -22.92 -14.84 -0.07
C GLY A 46 -23.46 -13.65 -0.83
ZN ZN B . -2.97 -3.70 -0.64
N GLY A 1 3.18 25.97 -15.89
CA GLY A 1 3.11 25.09 -14.74
C GLY A 1 4.43 24.43 -14.43
N SER A 2 4.62 24.06 -13.16
CA SER A 2 5.85 23.43 -12.73
C SER A 2 5.59 21.98 -12.30
N SER A 3 5.62 21.07 -13.28
CA SER A 3 5.39 19.66 -13.01
C SER A 3 5.97 18.79 -14.13
N GLY A 4 6.77 17.80 -13.75
CA GLY A 4 7.37 16.92 -14.73
C GLY A 4 7.69 15.55 -14.16
N SER A 5 7.21 14.51 -14.83
CA SER A 5 7.45 13.13 -14.38
C SER A 5 8.89 12.96 -13.90
N SER A 6 9.04 12.38 -12.72
CA SER A 6 10.36 12.15 -12.13
C SER A 6 10.32 11.00 -11.13
N GLY A 7 11.48 10.39 -10.91
CA GLY A 7 11.57 9.28 -9.98
C GLY A 7 13.00 8.98 -9.56
N THR A 8 13.23 8.95 -8.26
CA THR A 8 14.56 8.68 -7.72
C THR A 8 14.52 7.60 -6.65
N GLY A 9 13.61 7.77 -5.68
CA GLY A 9 13.49 6.80 -4.61
C GLY A 9 12.28 5.92 -4.77
N GLU A 10 12.40 4.91 -5.63
CA GLU A 10 11.30 3.99 -5.88
C GLU A 10 10.89 3.26 -4.61
N LYS A 11 9.83 2.47 -4.70
CA LYS A 11 9.34 1.71 -3.54
C LYS A 11 9.56 0.22 -3.73
N PRO A 12 10.50 -0.35 -2.98
CA PRO A 12 10.83 -1.77 -3.03
C PRO A 12 9.71 -2.65 -2.47
N TYR A 13 9.03 -2.15 -1.45
CA TYR A 13 7.95 -2.89 -0.82
C TYR A 13 6.66 -2.74 -1.61
N ARG A 14 6.06 -3.88 -1.97
CA ARG A 14 4.82 -3.87 -2.73
C ARG A 14 3.79 -4.79 -2.09
N CYS A 15 2.65 -4.23 -1.71
CA CYS A 15 1.58 -5.00 -1.08
C CYS A 15 1.30 -6.28 -1.88
N GLY A 16 0.82 -7.30 -1.18
CA GLY A 16 0.52 -8.57 -1.84
C GLY A 16 -0.95 -8.71 -2.17
N GLU A 17 -1.80 -8.11 -1.34
CA GLU A 17 -3.25 -8.18 -1.53
C GLU A 17 -3.64 -7.51 -2.85
N CYS A 18 -3.49 -6.20 -2.92
CA CYS A 18 -3.82 -5.44 -4.11
C CYS A 18 -2.62 -5.29 -5.02
N GLY A 19 -1.47 -4.97 -4.43
CA GLY A 19 -0.24 -4.79 -5.19
C GLY A 19 0.32 -3.40 -5.07
N LYS A 20 -0.13 -2.67 -4.06
CA LYS A 20 0.35 -1.31 -3.83
C LYS A 20 1.84 -1.29 -3.56
N ALA A 21 2.37 -0.11 -3.23
CA ALA A 21 3.80 0.03 -2.95
C ALA A 21 4.04 1.16 -1.95
N PHE A 22 5.20 1.12 -1.30
CA PHE A 22 5.56 2.13 -0.31
C PHE A 22 7.07 2.17 -0.09
N ALA A 23 7.62 3.38 -0.01
CA ALA A 23 9.05 3.55 0.20
C ALA A 23 9.50 2.88 1.49
N GLN A 24 8.68 3.00 2.53
CA GLN A 24 8.99 2.40 3.83
C GLN A 24 7.96 1.35 4.21
N LYS A 25 8.28 0.53 5.21
CA LYS A 25 7.38 -0.52 5.67
C LYS A 25 6.23 0.08 6.48
N ALA A 26 6.57 0.89 7.48
CA ALA A 26 5.57 1.52 8.32
C ALA A 26 4.41 2.07 7.49
N ASN A 27 4.72 2.52 6.28
CA ASN A 27 3.71 3.08 5.38
C ASN A 27 2.90 1.96 4.74
N LEU A 28 3.54 0.82 4.51
CA LEU A 28 2.87 -0.32 3.90
C LEU A 28 2.06 -1.11 4.94
N THR A 29 2.73 -1.52 6.01
CA THR A 29 2.08 -2.28 7.07
C THR A 29 0.74 -1.64 7.45
N GLN A 30 0.73 -0.32 7.55
CA GLN A 30 -0.47 0.42 7.91
C GLN A 30 -1.52 0.29 6.82
N HIS A 31 -1.08 0.14 5.58
CA HIS A 31 -1.98 0.01 4.45
C HIS A 31 -2.67 -1.36 4.45
N GLN A 32 -1.89 -2.41 4.66
CA GLN A 32 -2.41 -3.76 4.68
C GLN A 32 -3.61 -3.86 5.62
N ARG A 33 -3.63 -3.01 6.66
CA ARG A 33 -4.70 -3.01 7.63
C ARG A 33 -6.05 -2.86 6.94
N ILE A 34 -6.05 -2.31 5.74
CA ILE A 34 -7.26 -2.11 4.97
C ILE A 34 -7.86 -3.45 4.53
N HIS A 35 -6.99 -4.38 4.15
CA HIS A 35 -7.43 -5.70 3.71
C HIS A 35 -7.81 -6.57 4.91
N THR A 36 -6.92 -6.63 5.90
CA THR A 36 -7.17 -7.42 7.09
C THR A 36 -8.59 -7.22 7.61
N GLY A 37 -9.42 -8.25 7.48
CA GLY A 37 -10.80 -8.16 7.94
C GLY A 37 -11.79 -8.59 6.87
N GLU A 38 -12.58 -9.62 7.19
CA GLU A 38 -13.57 -10.13 6.25
C GLU A 38 -14.96 -9.61 6.60
N LYS A 39 -15.33 -8.48 6.01
CA LYS A 39 -16.63 -7.88 6.24
C LYS A 39 -17.46 -7.84 4.97
N PRO A 40 -18.79 -7.76 5.13
CA PRO A 40 -19.72 -7.71 4.00
C PRO A 40 -19.64 -6.40 3.23
N SER A 41 -18.74 -5.52 3.67
CA SER A 41 -18.55 -4.23 3.02
C SER A 41 -18.72 -4.34 1.51
N GLY A 42 -19.83 -3.83 1.00
CA GLY A 42 -20.09 -3.88 -0.43
C GLY A 42 -20.33 -5.29 -0.92
N PRO A 43 -21.61 -5.71 -0.92
CA PRO A 43 -22.00 -7.06 -1.37
C PRO A 43 -21.83 -7.24 -2.88
N SER A 44 -22.04 -6.16 -3.63
CA SER A 44 -21.92 -6.21 -5.08
C SER A 44 -20.46 -6.08 -5.50
N SER A 45 -19.73 -5.22 -4.80
CA SER A 45 -18.31 -5.01 -5.09
C SER A 45 -17.46 -5.13 -3.84
N GLY A 46 -16.51 -6.06 -3.86
CA GLY A 46 -15.65 -6.26 -2.72
C GLY A 46 -14.28 -6.78 -3.11
ZN ZN B . -3.01 -3.64 -0.64
N GLY A 1 10.83 25.20 -7.59
CA GLY A 1 11.39 24.42 -6.49
C GLY A 1 11.47 22.94 -6.81
N SER A 2 12.19 22.60 -7.88
CA SER A 2 12.33 21.21 -8.29
C SER A 2 13.61 20.61 -7.72
N SER A 3 13.57 19.30 -7.45
CA SER A 3 14.72 18.61 -6.89
C SER A 3 15.80 18.40 -7.95
N GLY A 4 15.38 17.93 -9.12
CA GLY A 4 16.33 17.70 -10.20
C GLY A 4 16.54 16.22 -10.48
N SER A 5 17.79 15.85 -10.75
CA SER A 5 18.12 14.46 -11.04
C SER A 5 18.38 13.68 -9.75
N SER A 6 17.30 13.18 -9.15
CA SER A 6 17.41 12.42 -7.92
C SER A 6 17.92 11.01 -8.19
N GLY A 7 17.30 10.32 -9.13
CA GLY A 7 17.70 8.97 -9.47
C GLY A 7 16.99 7.92 -8.64
N THR A 8 17.76 7.17 -7.85
CA THR A 8 17.19 6.13 -7.00
C THR A 8 16.04 6.67 -6.17
N GLY A 9 14.82 6.41 -6.62
CA GLY A 9 13.64 6.87 -5.91
C GLY A 9 12.41 6.03 -6.20
N GLU A 10 12.40 4.80 -5.70
CA GLU A 10 11.27 3.90 -5.92
C GLU A 10 10.91 3.16 -4.65
N LYS A 11 9.79 2.46 -4.67
CA LYS A 11 9.33 1.70 -3.51
C LYS A 11 9.53 0.20 -3.72
N PRO A 12 10.48 -0.38 -2.98
CA PRO A 12 10.79 -1.81 -3.07
C PRO A 12 9.67 -2.68 -2.50
N TYR A 13 9.02 -2.18 -1.45
CA TYR A 13 7.93 -2.91 -0.81
C TYR A 13 6.63 -2.76 -1.60
N ARG A 14 6.04 -3.88 -1.99
CA ARG A 14 4.79 -3.86 -2.74
C ARG A 14 3.77 -4.82 -2.12
N CYS A 15 2.64 -4.26 -1.71
CA CYS A 15 1.58 -5.05 -1.10
C CYS A 15 1.29 -6.31 -1.92
N GLY A 16 0.84 -7.36 -1.24
CA GLY A 16 0.54 -8.61 -1.93
C GLY A 16 -0.94 -8.75 -2.25
N GLU A 17 -1.78 -8.17 -1.40
CA GLU A 17 -3.23 -8.23 -1.60
C GLU A 17 -3.63 -7.54 -2.90
N CYS A 18 -3.51 -6.21 -2.92
CA CYS A 18 -3.86 -5.44 -4.10
C CYS A 18 -2.66 -5.27 -5.02
N GLY A 19 -1.51 -4.95 -4.43
CA GLY A 19 -0.30 -4.76 -5.21
C GLY A 19 0.28 -3.36 -5.07
N LYS A 20 -0.15 -2.65 -4.02
CA LYS A 20 0.31 -1.29 -3.78
C LYS A 20 1.82 -1.28 -3.52
N ALA A 21 2.35 -0.10 -3.19
CA ALA A 21 3.77 0.05 -2.91
C ALA A 21 4.02 1.16 -1.91
N PHE A 22 5.19 1.12 -1.27
CA PHE A 22 5.55 2.13 -0.29
C PHE A 22 7.06 2.17 -0.08
N ALA A 23 7.60 3.38 0.06
CA ALA A 23 9.03 3.55 0.27
C ALA A 23 9.47 2.96 1.61
N GLN A 24 8.62 3.09 2.62
CA GLN A 24 8.91 2.57 3.94
C GLN A 24 7.87 1.56 4.38
N LYS A 25 8.31 0.55 5.12
CA LYS A 25 7.40 -0.50 5.61
C LYS A 25 6.28 0.11 6.44
N ALA A 26 6.65 0.88 7.45
CA ALA A 26 5.67 1.52 8.32
C ALA A 26 4.50 2.07 7.52
N ASN A 27 4.78 2.50 6.30
CA ASN A 27 3.74 3.05 5.43
C ASN A 27 2.91 1.94 4.80
N LEU A 28 3.55 0.81 4.52
CA LEU A 28 2.88 -0.33 3.91
C LEU A 28 2.10 -1.11 4.96
N THR A 29 2.78 -1.52 6.01
CA THR A 29 2.15 -2.28 7.09
C THR A 29 0.81 -1.67 7.48
N GLN A 30 0.77 -0.34 7.55
CA GLN A 30 -0.44 0.38 7.92
C GLN A 30 -1.49 0.25 6.82
N HIS A 31 -1.03 0.15 5.58
CA HIS A 31 -1.93 0.03 4.44
C HIS A 31 -2.65 -1.32 4.46
N GLN A 32 -1.91 -2.38 4.72
CA GLN A 32 -2.48 -3.72 4.76
C GLN A 32 -3.72 -3.76 5.66
N ARG A 33 -3.72 -2.90 6.67
CA ARG A 33 -4.85 -2.83 7.60
C ARG A 33 -6.18 -2.82 6.85
N ILE A 34 -6.17 -2.21 5.66
CA ILE A 34 -7.37 -2.13 4.84
C ILE A 34 -7.83 -3.51 4.39
N HIS A 35 -6.88 -4.39 4.15
CA HIS A 35 -7.18 -5.76 3.72
C HIS A 35 -7.47 -6.65 4.92
N THR A 36 -6.60 -6.61 5.91
CA THR A 36 -6.75 -7.42 7.11
C THR A 36 -7.97 -6.99 7.91
N GLY A 37 -9.07 -7.73 7.77
CA GLY A 37 -10.29 -7.40 8.48
C GLY A 37 -11.44 -7.09 7.55
N GLU A 38 -11.25 -6.08 6.70
CA GLU A 38 -12.29 -5.67 5.75
C GLU A 38 -13.63 -5.50 6.46
N LYS A 39 -13.59 -4.89 7.64
CA LYS A 39 -14.80 -4.65 8.42
C LYS A 39 -15.28 -3.22 8.27
N PRO A 40 -16.58 -3.00 8.48
CA PRO A 40 -17.19 -1.66 8.38
C PRO A 40 -16.74 -0.73 9.51
N SER A 41 -15.87 -1.23 10.37
CA SER A 41 -15.37 -0.46 11.49
C SER A 41 -15.24 1.02 11.12
N GLY A 42 -14.68 1.28 9.94
CA GLY A 42 -14.50 2.64 9.48
C GLY A 42 -13.29 2.81 8.59
N PRO A 43 -12.81 4.05 8.45
CA PRO A 43 -11.65 4.36 7.62
C PRO A 43 -10.34 3.83 8.22
N SER A 44 -9.42 3.41 7.36
CA SER A 44 -8.14 2.87 7.80
C SER A 44 -7.00 3.72 7.27
N SER A 45 -6.95 3.89 5.95
CA SER A 45 -5.89 4.67 5.31
C SER A 45 -5.83 6.07 5.90
N GLY A 46 -4.68 6.71 5.74
CA GLY A 46 -4.50 8.06 6.26
C GLY A 46 -5.76 8.89 6.17
ZN ZN B . -3.00 -3.67 -0.61
N GLY A 1 0.25 15.91 -13.37
CA GLY A 1 0.00 17.22 -12.81
C GLY A 1 1.25 17.88 -12.26
N SER A 2 2.04 17.10 -11.52
CA SER A 2 3.28 17.61 -10.93
C SER A 2 4.31 17.92 -12.01
N SER A 3 4.69 19.19 -12.12
CA SER A 3 5.66 19.62 -13.11
C SER A 3 6.96 20.04 -12.44
N GLY A 4 7.94 19.14 -12.44
CA GLY A 4 9.22 19.43 -11.83
C GLY A 4 9.15 19.47 -10.31
N SER A 5 9.52 18.37 -9.67
CA SER A 5 9.49 18.29 -8.21
C SER A 5 10.45 17.21 -7.71
N SER A 6 11.54 17.65 -7.09
CA SER A 6 12.54 16.73 -6.56
C SER A 6 11.88 15.56 -5.84
N GLY A 7 12.52 14.39 -5.90
CA GLY A 7 11.98 13.22 -5.25
C GLY A 7 11.84 12.04 -6.20
N THR A 8 12.97 11.55 -6.70
CA THR A 8 12.97 10.42 -7.62
C THR A 8 13.43 9.14 -6.93
N GLY A 9 12.48 8.39 -6.39
CA GLY A 9 12.82 7.15 -5.72
C GLY A 9 11.72 6.11 -5.84
N GLU A 10 12.12 4.86 -6.10
CA GLU A 10 11.17 3.77 -6.24
C GLU A 10 10.84 3.15 -4.88
N LYS A 11 9.84 2.27 -4.86
CA LYS A 11 9.44 1.60 -3.64
C LYS A 11 9.61 0.10 -3.75
N PRO A 12 10.54 -0.46 -2.96
CA PRO A 12 10.83 -1.90 -2.95
C PRO A 12 9.69 -2.71 -2.36
N TYR A 13 9.03 -2.14 -1.35
CA TYR A 13 7.92 -2.82 -0.68
C TYR A 13 6.64 -2.70 -1.50
N ARG A 14 6.04 -3.84 -1.83
CA ARG A 14 4.82 -3.86 -2.61
C ARG A 14 3.77 -4.77 -1.95
N CYS A 15 2.62 -4.20 -1.65
CA CYS A 15 1.53 -4.96 -1.02
C CYS A 15 1.25 -6.24 -1.79
N GLY A 16 0.71 -7.23 -1.10
CA GLY A 16 0.39 -8.50 -1.73
C GLY A 16 -1.07 -8.62 -2.09
N GLU A 17 -1.93 -8.01 -1.27
CA GLU A 17 -3.37 -8.05 -1.52
C GLU A 17 -3.72 -7.39 -2.85
N CYS A 18 -3.54 -6.09 -2.92
CA CYS A 18 -3.85 -5.33 -4.13
C CYS A 18 -2.60 -5.21 -5.01
N GLY A 19 -1.47 -4.90 -4.38
CA GLY A 19 -0.22 -4.75 -5.12
C GLY A 19 0.36 -3.37 -4.99
N LYS A 20 -0.10 -2.62 -4.00
CA LYS A 20 0.38 -1.26 -3.77
C LYS A 20 1.88 -1.25 -3.52
N ALA A 21 2.42 -0.09 -3.20
CA ALA A 21 3.84 0.05 -2.92
C ALA A 21 4.11 1.21 -1.97
N PHE A 22 5.24 1.15 -1.27
CA PHE A 22 5.62 2.20 -0.33
C PHE A 22 7.13 2.25 -0.14
N ALA A 23 7.66 3.45 0.06
CA ALA A 23 9.09 3.63 0.27
C ALA A 23 9.53 3.10 1.61
N GLN A 24 8.59 3.01 2.55
CA GLN A 24 8.89 2.52 3.89
C GLN A 24 7.90 1.42 4.29
N LYS A 25 8.26 0.66 5.33
CA LYS A 25 7.42 -0.42 5.81
C LYS A 25 6.20 0.13 6.55
N ALA A 26 6.46 0.86 7.63
CA ALA A 26 5.39 1.44 8.42
C ALA A 26 4.28 1.99 7.53
N ASN A 27 4.66 2.57 6.41
CA ASN A 27 3.70 3.14 5.46
C ASN A 27 2.90 2.04 4.77
N LEU A 28 3.57 0.92 4.50
CA LEU A 28 2.93 -0.21 3.84
C LEU A 28 2.15 -1.06 4.84
N THR A 29 2.86 -1.58 5.84
CA THR A 29 2.26 -2.41 6.86
C THR A 29 0.92 -1.81 7.34
N GLN A 30 0.89 -0.49 7.47
CA GLN A 30 -0.32 0.20 7.91
C GLN A 30 -1.41 0.11 6.84
N HIS A 31 -1.00 0.07 5.58
CA HIS A 31 -1.94 -0.02 4.48
C HIS A 31 -2.64 -1.37 4.45
N GLN A 32 -1.87 -2.43 4.66
CA GLN A 32 -2.40 -3.79 4.66
C GLN A 32 -3.59 -3.90 5.61
N ARG A 33 -3.66 -2.99 6.58
CA ARG A 33 -4.75 -2.98 7.55
C ARG A 33 -6.10 -2.85 6.86
N ILE A 34 -6.07 -2.39 5.61
CA ILE A 34 -7.30 -2.22 4.83
C ILE A 34 -7.86 -3.56 4.38
N HIS A 35 -6.96 -4.48 4.02
CA HIS A 35 -7.37 -5.81 3.58
C HIS A 35 -7.67 -6.71 4.77
N THR A 36 -6.78 -6.71 5.75
CA THR A 36 -6.94 -7.54 6.94
C THR A 36 -8.05 -6.98 7.84
N GLY A 37 -9.07 -7.80 8.08
CA GLY A 37 -10.17 -7.37 8.92
C GLY A 37 -10.94 -6.21 8.33
N GLU A 38 -11.97 -5.76 9.04
CA GLU A 38 -12.79 -4.65 8.57
C GLU A 38 -13.11 -3.68 9.72
N LYS A 39 -13.21 -2.41 9.40
CA LYS A 39 -13.51 -1.38 10.39
C LYS A 39 -14.75 -0.59 10.01
N PRO A 40 -15.49 -0.12 11.02
CA PRO A 40 -16.72 0.66 10.81
C PRO A 40 -16.43 2.04 10.25
N SER A 41 -16.82 2.26 9.00
CA SER A 41 -16.59 3.54 8.34
C SER A 41 -17.91 4.10 7.79
N GLY A 42 -18.12 5.40 7.99
CA GLY A 42 -19.34 6.03 7.51
C GLY A 42 -20.57 5.19 7.75
N PRO A 43 -21.67 5.54 7.09
CA PRO A 43 -22.95 4.82 7.22
C PRO A 43 -22.89 3.43 6.59
N SER A 44 -23.79 2.56 7.03
CA SER A 44 -23.84 1.19 6.51
C SER A 44 -24.93 1.06 5.46
N SER A 45 -26.13 1.53 5.79
CA SER A 45 -27.26 1.46 4.87
C SER A 45 -27.31 2.69 3.97
N GLY A 46 -26.91 2.52 2.71
CA GLY A 46 -26.90 3.62 1.77
C GLY A 46 -25.52 3.95 1.26
ZN ZN B . -3.05 -3.55 -0.67
N GLY A 1 7.11 19.70 -25.67
CA GLY A 1 8.32 20.28 -25.12
C GLY A 1 8.84 19.52 -23.92
N SER A 2 8.46 19.97 -22.73
CA SER A 2 8.90 19.33 -21.49
C SER A 2 7.82 18.42 -20.93
N SER A 3 8.00 17.11 -21.08
CA SER A 3 7.04 16.14 -20.59
C SER A 3 7.71 14.79 -20.34
N GLY A 4 7.69 14.36 -19.09
CA GLY A 4 8.30 13.09 -18.73
C GLY A 4 9.79 13.18 -18.57
N SER A 5 10.28 12.94 -17.36
CA SER A 5 11.71 13.01 -17.07
C SER A 5 12.18 11.74 -16.37
N SER A 6 13.48 11.67 -16.11
CA SER A 6 14.08 10.50 -15.46
C SER A 6 13.49 10.30 -14.07
N GLY A 7 13.69 11.29 -13.20
CA GLY A 7 13.18 11.20 -11.85
C GLY A 7 13.90 10.17 -11.01
N THR A 8 13.66 10.19 -9.71
CA THR A 8 14.30 9.23 -8.80
C THR A 8 13.45 9.02 -7.55
N GLY A 9 13.46 7.80 -7.03
CA GLY A 9 12.69 7.48 -5.85
C GLY A 9 11.65 6.41 -6.09
N GLU A 10 12.04 5.16 -5.89
CA GLU A 10 11.13 4.04 -6.09
C GLU A 10 10.81 3.35 -4.76
N LYS A 11 9.81 2.47 -4.78
CA LYS A 11 9.40 1.74 -3.59
C LYS A 11 9.59 0.24 -3.77
N PRO A 12 10.54 -0.33 -3.02
CA PRO A 12 10.84 -1.76 -3.08
C PRO A 12 9.74 -2.62 -2.49
N TYR A 13 9.06 -2.09 -1.48
CA TYR A 13 7.97 -2.81 -0.82
C TYR A 13 6.69 -2.68 -1.62
N ARG A 14 6.09 -3.83 -1.94
CA ARG A 14 4.86 -3.87 -2.70
C ARG A 14 3.84 -4.81 -2.06
N CYS A 15 2.68 -4.26 -1.69
CA CYS A 15 1.63 -5.05 -1.06
C CYS A 15 1.36 -6.32 -1.86
N GLY A 16 0.87 -7.35 -1.16
CA GLY A 16 0.59 -8.61 -1.82
C GLY A 16 -0.89 -8.77 -2.13
N GLU A 17 -1.74 -8.18 -1.30
CA GLU A 17 -3.18 -8.27 -1.49
C GLU A 17 -3.59 -7.61 -2.80
N CYS A 18 -3.42 -6.29 -2.88
CA CYS A 18 -3.77 -5.53 -4.07
C CYS A 18 -2.56 -5.36 -4.99
N GLY A 19 -1.41 -5.02 -4.39
CA GLY A 19 -0.20 -4.83 -5.16
C GLY A 19 0.36 -3.43 -5.02
N LYS A 20 -0.11 -2.71 -4.01
CA LYS A 20 0.35 -1.35 -3.76
C LYS A 20 1.86 -1.31 -3.52
N ALA A 21 2.37 -0.14 -3.17
CA ALA A 21 3.80 0.02 -2.90
C ALA A 21 4.04 1.14 -1.91
N PHE A 22 5.21 1.13 -1.27
CA PHE A 22 5.57 2.14 -0.29
C PHE A 22 7.07 2.19 -0.08
N ALA A 23 7.61 3.40 0.07
CA ALA A 23 9.04 3.57 0.28
C ALA A 23 9.48 3.01 1.63
N GLN A 24 8.58 3.09 2.60
CA GLN A 24 8.88 2.58 3.94
C GLN A 24 7.86 1.53 4.36
N LYS A 25 8.32 0.53 5.10
CA LYS A 25 7.45 -0.55 5.57
C LYS A 25 6.30 0.01 6.41
N ALA A 26 6.65 0.79 7.43
CA ALA A 26 5.65 1.40 8.31
C ALA A 26 4.47 1.92 7.50
N ASN A 27 4.75 2.43 6.31
CA ASN A 27 3.71 2.98 5.45
C ASN A 27 2.89 1.86 4.80
N LEU A 28 3.56 0.74 4.52
CA LEU A 28 2.89 -0.41 3.91
C LEU A 28 2.12 -1.21 4.95
N THR A 29 2.83 -1.66 5.99
CA THR A 29 2.21 -2.45 7.05
C THR A 29 0.88 -1.83 7.48
N GLN A 30 0.84 -0.51 7.55
CA GLN A 30 -0.38 0.20 7.95
C GLN A 30 -1.44 0.12 6.85
N HIS A 31 -0.99 0.03 5.60
CA HIS A 31 -1.90 -0.05 4.46
C HIS A 31 -2.64 -1.38 4.46
N GLN A 32 -1.92 -2.46 4.76
CA GLN A 32 -2.51 -3.79 4.79
C GLN A 32 -3.72 -3.83 5.70
N ARG A 33 -3.79 -2.88 6.64
CA ARG A 33 -4.89 -2.81 7.57
C ARG A 33 -6.22 -2.59 6.85
N ILE A 34 -6.13 -2.11 5.61
CA ILE A 34 -7.32 -1.87 4.80
C ILE A 34 -7.97 -3.17 4.36
N HIS A 35 -7.14 -4.17 4.07
CA HIS A 35 -7.63 -5.48 3.64
C HIS A 35 -8.12 -6.29 4.83
N THR A 36 -7.32 -6.34 5.88
CA THR A 36 -7.67 -7.08 7.09
C THR A 36 -9.06 -6.69 7.59
N GLY A 37 -9.30 -5.39 7.70
CA GLY A 37 -10.58 -4.91 8.16
C GLY A 37 -11.71 -5.26 7.22
N GLU A 38 -11.50 -5.03 5.93
CA GLU A 38 -12.51 -5.32 4.91
C GLU A 38 -13.25 -6.60 5.25
N LYS A 39 -14.57 -6.48 5.43
CA LYS A 39 -15.40 -7.63 5.75
C LYS A 39 -16.46 -7.87 4.68
N PRO A 40 -16.83 -9.15 4.48
CA PRO A 40 -17.84 -9.53 3.49
C PRO A 40 -19.24 -9.05 3.85
N SER A 41 -19.78 -8.15 3.05
CA SER A 41 -21.11 -7.61 3.30
C SER A 41 -21.75 -7.11 2.00
N GLY A 42 -23.06 -7.28 1.88
CA GLY A 42 -23.77 -6.84 0.69
C GLY A 42 -24.42 -7.99 -0.06
N PRO A 43 -24.79 -7.74 -1.32
CA PRO A 43 -25.43 -8.75 -2.17
C PRO A 43 -24.46 -9.85 -2.57
N SER A 44 -25.00 -10.89 -3.22
CA SER A 44 -24.19 -12.01 -3.67
C SER A 44 -22.91 -11.52 -4.35
N SER A 45 -21.81 -12.25 -4.13
CA SER A 45 -20.54 -11.90 -4.73
C SER A 45 -19.71 -13.15 -5.04
N GLY A 46 -18.61 -12.96 -5.74
CA GLY A 46 -17.75 -14.09 -6.10
C GLY A 46 -16.57 -14.23 -5.16
ZN ZN B . -2.96 -3.71 -0.61
N GLY A 1 9.56 27.15 -7.34
CA GLY A 1 8.19 26.68 -7.13
C GLY A 1 8.12 25.21 -6.79
N SER A 2 7.94 24.92 -5.50
CA SER A 2 7.85 23.53 -5.04
C SER A 2 6.71 22.80 -5.72
N SER A 3 7.04 21.93 -6.67
CA SER A 3 6.04 21.17 -7.40
C SER A 3 5.89 19.77 -6.81
N GLY A 4 4.77 19.13 -7.11
CA GLY A 4 4.51 17.80 -6.59
C GLY A 4 5.35 16.74 -7.30
N SER A 5 6.63 16.69 -6.97
CA SER A 5 7.53 15.72 -7.57
C SER A 5 7.04 14.29 -7.36
N SER A 6 7.73 13.33 -7.94
CA SER A 6 7.36 11.93 -7.82
C SER A 6 7.61 11.42 -6.41
N GLY A 7 8.81 11.67 -5.91
CA GLY A 7 9.17 11.22 -4.57
C GLY A 7 10.64 10.89 -4.44
N THR A 8 11.08 10.63 -3.20
CA THR A 8 12.47 10.30 -2.94
C THR A 8 13.03 9.40 -4.04
N GLY A 9 12.29 8.36 -4.39
CA GLY A 9 12.73 7.44 -5.42
C GLY A 9 11.70 6.37 -5.72
N GLU A 10 12.11 5.11 -5.62
CA GLU A 10 11.21 3.99 -5.88
C GLU A 10 10.84 3.27 -4.59
N LYS A 11 9.83 2.41 -4.67
CA LYS A 11 9.38 1.65 -3.50
C LYS A 11 9.58 0.15 -3.71
N PRO A 12 10.52 -0.43 -2.95
CA PRO A 12 10.83 -1.86 -3.03
C PRO A 12 9.71 -2.73 -2.48
N TYR A 13 9.04 -2.24 -1.45
CA TYR A 13 7.94 -2.98 -0.83
C TYR A 13 6.66 -2.81 -1.63
N ARG A 14 6.03 -3.94 -1.97
CA ARG A 14 4.80 -3.92 -2.73
C ARG A 14 3.76 -4.86 -2.11
N CYS A 15 2.62 -4.30 -1.72
CA CYS A 15 1.55 -5.09 -1.12
C CYS A 15 1.26 -6.34 -1.93
N GLY A 16 0.73 -7.36 -1.27
CA GLY A 16 0.42 -8.61 -1.96
C GLY A 16 -1.05 -8.73 -2.28
N GLU A 17 -1.90 -8.15 -1.43
CA GLU A 17 -3.35 -8.20 -1.64
C GLU A 17 -3.74 -7.50 -2.93
N CYS A 18 -3.56 -6.19 -2.96
CA CYS A 18 -3.88 -5.39 -4.13
C CYS A 18 -2.67 -5.23 -5.04
N GLY A 19 -1.51 -4.98 -4.44
CA GLY A 19 -0.29 -4.81 -5.21
C GLY A 19 0.28 -3.42 -5.08
N LYS A 20 -0.15 -2.69 -4.06
CA LYS A 20 0.33 -1.33 -3.82
C LYS A 20 1.83 -1.33 -3.54
N ALA A 21 2.36 -0.16 -3.20
CA ALA A 21 3.78 -0.02 -2.91
C ALA A 21 4.03 1.10 -1.90
N PHE A 22 5.19 1.07 -1.26
CA PHE A 22 5.55 2.08 -0.28
C PHE A 22 7.06 2.13 -0.07
N ALA A 23 7.60 3.34 0.06
CA ALA A 23 9.03 3.52 0.26
C ALA A 23 9.48 2.95 1.60
N GLN A 24 8.62 3.08 2.61
CA GLN A 24 8.92 2.58 3.94
C GLN A 24 7.87 1.57 4.40
N LYS A 25 8.31 0.56 5.16
CA LYS A 25 7.42 -0.47 5.65
C LYS A 25 6.28 0.15 6.48
N ALA A 26 6.65 0.93 7.49
CA ALA A 26 5.66 1.58 8.35
C ALA A 26 4.49 2.11 7.54
N ASN A 27 4.78 2.56 6.32
CA ASN A 27 3.74 3.10 5.45
C ASN A 27 2.92 1.98 4.82
N LEU A 28 3.58 0.86 4.53
CA LEU A 28 2.91 -0.29 3.94
C LEU A 28 2.11 -1.06 4.99
N THR A 29 2.78 -1.45 6.06
CA THR A 29 2.13 -2.19 7.14
C THR A 29 0.80 -1.57 7.51
N GLN A 30 0.76 -0.24 7.57
CA GLN A 30 -0.46 0.48 7.92
C GLN A 30 -1.49 0.35 6.81
N HIS A 31 -1.03 0.16 5.58
CA HIS A 31 -1.92 0.02 4.43
C HIS A 31 -2.61 -1.34 4.45
N GLN A 32 -1.83 -2.39 4.69
CA GLN A 32 -2.38 -3.74 4.74
C GLN A 32 -3.61 -3.81 5.62
N ARG A 33 -3.62 -3.00 6.68
CA ARG A 33 -4.75 -2.97 7.61
C ARG A 33 -6.07 -2.86 6.86
N ILE A 34 -6.03 -2.29 5.66
CA ILE A 34 -7.22 -2.13 4.84
C ILE A 34 -7.77 -3.49 4.40
N HIS A 35 -6.87 -4.40 4.07
CA HIS A 35 -7.26 -5.74 3.63
C HIS A 35 -7.54 -6.64 4.83
N THR A 36 -6.65 -6.59 5.83
CA THR A 36 -6.80 -7.39 7.04
C THR A 36 -7.91 -6.86 7.92
N GLY A 37 -9.10 -7.43 7.80
CA GLY A 37 -10.23 -6.99 8.60
C GLY A 37 -11.36 -8.00 8.61
N GLU A 38 -12.59 -7.52 8.45
CA GLU A 38 -13.76 -8.38 8.45
C GLU A 38 -13.56 -9.56 7.49
N LYS A 39 -14.08 -10.72 7.88
CA LYS A 39 -13.96 -11.92 7.05
C LYS A 39 -15.31 -12.59 6.88
N PRO A 40 -15.48 -13.32 5.76
CA PRO A 40 -16.72 -14.03 5.45
C PRO A 40 -16.95 -15.23 6.38
N SER A 41 -18.07 -15.20 7.10
CA SER A 41 -18.40 -16.28 8.02
C SER A 41 -17.97 -17.63 7.46
N GLY A 42 -17.09 -18.32 8.19
CA GLY A 42 -16.60 -19.61 7.74
C GLY A 42 -15.31 -20.01 8.43
N PRO A 43 -15.14 -21.32 8.65
CA PRO A 43 -13.94 -21.87 9.29
C PRO A 43 -12.70 -21.75 8.42
N SER A 44 -12.86 -21.15 7.25
CA SER A 44 -11.76 -20.97 6.32
C SER A 44 -10.78 -19.91 6.82
N SER A 45 -10.10 -20.22 7.93
CA SER A 45 -9.14 -19.30 8.52
C SER A 45 -7.80 -19.38 7.80
N GLY A 46 -6.82 -18.65 8.32
CA GLY A 46 -5.50 -18.65 7.71
C GLY A 46 -5.09 -17.28 7.20
ZN ZN B . -2.98 -3.65 -0.63
N GLY A 1 14.29 19.52 -23.08
CA GLY A 1 14.30 19.31 -21.65
C GLY A 1 13.12 18.49 -21.17
N SER A 2 13.36 17.23 -20.82
CA SER A 2 12.29 16.35 -20.34
C SER A 2 12.66 15.74 -19.00
N SER A 3 11.73 14.99 -18.42
CA SER A 3 11.95 14.33 -17.13
C SER A 3 12.00 12.82 -17.30
N GLY A 4 13.13 12.23 -16.95
CA GLY A 4 13.29 10.80 -17.05
C GLY A 4 13.17 10.10 -15.71
N SER A 5 14.25 9.42 -15.31
CA SER A 5 14.26 8.70 -14.04
C SER A 5 15.32 9.28 -13.10
N SER A 6 14.91 10.17 -12.22
CA SER A 6 15.82 10.80 -11.27
C SER A 6 15.05 11.65 -10.26
N GLY A 7 15.78 12.18 -9.28
CA GLY A 7 15.15 13.00 -8.26
C GLY A 7 14.66 12.18 -7.08
N THR A 8 13.79 11.23 -7.35
CA THR A 8 13.24 10.37 -6.31
C THR A 8 13.47 8.90 -6.63
N GLY A 9 13.60 8.09 -5.59
CA GLY A 9 13.82 6.67 -5.77
C GLY A 9 12.54 5.91 -6.05
N GLU A 10 12.54 4.63 -5.71
CA GLU A 10 11.36 3.79 -5.92
C GLU A 10 10.97 3.05 -4.64
N LYS A 11 9.82 2.39 -4.67
CA LYS A 11 9.34 1.64 -3.51
C LYS A 11 9.55 0.15 -3.70
N PRO A 12 10.49 -0.42 -2.93
CA PRO A 12 10.82 -1.84 -3.00
C PRO A 12 9.71 -2.71 -2.43
N TYR A 13 9.01 -2.20 -1.42
CA TYR A 13 7.92 -2.92 -0.78
C TYR A 13 6.63 -2.77 -1.57
N ARG A 14 6.06 -3.90 -1.98
CA ARG A 14 4.81 -3.89 -2.76
C ARG A 14 3.79 -4.83 -2.13
N CYS A 15 2.65 -4.28 -1.73
CA CYS A 15 1.59 -5.07 -1.12
C CYS A 15 1.30 -6.32 -1.95
N GLY A 16 0.76 -7.34 -1.29
CA GLY A 16 0.45 -8.58 -1.99
C GLY A 16 -1.03 -8.70 -2.31
N GLU A 17 -1.87 -8.14 -1.45
CA GLU A 17 -3.31 -8.19 -1.67
C GLU A 17 -3.70 -7.47 -2.95
N CYS A 18 -3.52 -6.16 -2.96
CA CYS A 18 -3.85 -5.36 -4.14
C CYS A 18 -2.64 -5.19 -5.05
N GLY A 19 -1.49 -4.92 -4.44
CA GLY A 19 -0.27 -4.74 -5.21
C GLY A 19 0.31 -3.35 -5.08
N LYS A 20 -0.13 -2.63 -4.04
CA LYS A 20 0.35 -1.27 -3.80
C LYS A 20 1.84 -1.25 -3.54
N ALA A 21 2.38 -0.08 -3.23
CA ALA A 21 3.80 0.07 -2.95
C ALA A 21 4.06 1.21 -1.98
N PHE A 22 5.22 1.18 -1.33
CA PHE A 22 5.58 2.21 -0.37
C PHE A 22 7.09 2.24 -0.15
N ALA A 23 7.63 3.44 0.03
CA ALA A 23 9.06 3.61 0.26
C ALA A 23 9.48 3.03 1.60
N GLN A 24 8.62 3.18 2.60
CA GLN A 24 8.89 2.66 3.93
C GLN A 24 7.84 1.64 4.36
N LYS A 25 8.28 0.61 5.07
CA LYS A 25 7.37 -0.43 5.54
C LYS A 25 6.25 0.16 6.39
N ALA A 26 6.63 0.95 7.39
CA ALA A 26 5.66 1.58 8.28
C ALA A 26 4.46 2.09 7.49
N ASN A 27 4.70 2.53 6.26
CA ASN A 27 3.64 3.06 5.41
C ASN A 27 2.82 1.91 4.80
N LEU A 28 3.49 0.81 4.51
CA LEU A 28 2.84 -0.36 3.92
C LEU A 28 2.08 -1.14 4.98
N THR A 29 2.79 -1.52 6.05
CA THR A 29 2.17 -2.28 7.13
C THR A 29 0.84 -1.68 7.54
N GLN A 30 0.78 -0.36 7.60
CA GLN A 30 -0.45 0.34 7.97
C GLN A 30 -1.50 0.23 6.87
N HIS A 31 -1.04 0.10 5.62
CA HIS A 31 -1.93 -0.02 4.48
C HIS A 31 -2.65 -1.35 4.49
N GLN A 32 -1.91 -2.42 4.81
CA GLN A 32 -2.48 -3.76 4.85
C GLN A 32 -3.71 -3.80 5.75
N ARG A 33 -3.74 -2.93 6.75
CA ARG A 33 -4.85 -2.87 7.68
C ARG A 33 -6.18 -2.85 6.94
N ILE A 34 -6.17 -2.28 5.72
CA ILE A 34 -7.37 -2.20 4.91
C ILE A 34 -7.81 -3.57 4.42
N HIS A 35 -6.83 -4.45 4.19
CA HIS A 35 -7.11 -5.80 3.72
C HIS A 35 -7.40 -6.73 4.89
N THR A 36 -6.54 -6.69 5.91
CA THR A 36 -6.69 -7.54 7.08
C THR A 36 -7.86 -7.07 7.95
N GLY A 37 -8.90 -7.89 8.00
CA GLY A 37 -10.08 -7.54 8.79
C GLY A 37 -11.30 -7.30 7.94
N GLU A 38 -11.59 -6.02 7.66
CA GLU A 38 -12.75 -5.66 6.85
C GLU A 38 -12.31 -5.05 5.52
N LYS A 39 -12.53 -5.77 4.44
CA LYS A 39 -12.16 -5.30 3.11
C LYS A 39 -13.35 -4.64 2.42
N PRO A 40 -13.09 -3.52 1.72
CA PRO A 40 -14.11 -2.78 0.99
C PRO A 40 -14.64 -3.54 -0.23
N SER A 41 -15.61 -2.96 -0.91
CA SER A 41 -16.18 -3.58 -2.09
C SER A 41 -15.48 -3.12 -3.36
N GLY A 42 -14.51 -3.92 -3.82
CA GLY A 42 -13.76 -3.58 -5.02
C GLY A 42 -13.21 -2.17 -4.97
N PRO A 43 -12.02 -2.02 -4.38
CA PRO A 43 -11.36 -0.71 -4.26
C PRO A 43 -10.87 -0.18 -5.60
N SER A 44 -10.64 -1.09 -6.55
CA SER A 44 -10.18 -0.72 -7.88
C SER A 44 -11.04 -1.36 -8.96
N SER A 45 -11.74 -0.54 -9.72
CA SER A 45 -12.61 -1.03 -10.79
C SER A 45 -11.92 -0.90 -12.15
N GLY A 46 -10.64 -1.25 -12.19
CA GLY A 46 -9.89 -1.16 -13.42
C GLY A 46 -9.26 0.21 -13.63
ZN ZN B . -2.96 -3.67 -0.63
N GLY A 1 24.61 22.29 4.68
CA GLY A 1 24.35 22.36 3.25
C GLY A 1 23.33 21.35 2.78
N SER A 2 22.07 21.61 3.09
CA SER A 2 20.98 20.70 2.70
C SER A 2 20.35 21.15 1.40
N SER A 3 20.10 20.19 0.50
CA SER A 3 19.50 20.49 -0.79
C SER A 3 18.48 19.42 -1.16
N GLY A 4 17.46 19.82 -1.91
CA GLY A 4 16.43 18.89 -2.33
C GLY A 4 16.77 18.19 -3.63
N SER A 5 18.00 17.67 -3.72
CA SER A 5 18.45 16.98 -4.92
C SER A 5 17.93 15.54 -4.94
N SER A 6 18.29 14.77 -3.90
CA SER A 6 17.86 13.39 -3.81
C SER A 6 16.39 13.28 -3.43
N GLY A 7 15.71 12.26 -3.95
CA GLY A 7 14.30 12.07 -3.65
C GLY A 7 14.00 10.68 -3.17
N THR A 8 12.72 10.32 -3.14
CA THR A 8 12.29 9.01 -2.69
C THR A 8 12.70 7.93 -3.69
N GLY A 9 12.75 8.30 -4.96
CA GLY A 9 13.13 7.35 -5.99
C GLY A 9 12.02 6.37 -6.30
N GLU A 10 12.15 5.15 -5.77
CA GLU A 10 11.15 4.12 -6.00
C GLU A 10 10.79 3.41 -4.70
N LYS A 11 9.80 2.53 -4.76
CA LYS A 11 9.35 1.79 -3.58
C LYS A 11 9.58 0.29 -3.77
N PRO A 12 10.55 -0.26 -3.02
CA PRO A 12 10.89 -1.69 -3.08
C PRO A 12 9.79 -2.57 -2.51
N TYR A 13 9.11 -2.07 -1.47
CA TYR A 13 8.04 -2.82 -0.83
C TYR A 13 6.74 -2.70 -1.61
N ARG A 14 6.14 -3.83 -1.94
CA ARG A 14 4.90 -3.86 -2.69
C ARG A 14 3.88 -4.78 -2.04
N CYS A 15 2.71 -4.23 -1.69
CA CYS A 15 1.66 -5.01 -1.04
C CYS A 15 1.39 -6.30 -1.82
N GLY A 16 0.89 -7.31 -1.11
CA GLY A 16 0.59 -8.58 -1.74
C GLY A 16 -0.88 -8.74 -2.06
N GLU A 17 -1.73 -8.14 -1.23
CA GLU A 17 -3.18 -8.23 -1.43
C GLU A 17 -3.59 -7.57 -2.74
N CYS A 18 -3.41 -6.26 -2.82
CA CYS A 18 -3.76 -5.51 -4.03
C CYS A 18 -2.55 -5.35 -4.94
N GLY A 19 -1.40 -5.05 -4.34
CA GLY A 19 -0.19 -4.87 -5.12
C GLY A 19 0.37 -3.47 -5.00
N LYS A 20 -0.10 -2.72 -4.00
CA LYS A 20 0.36 -1.36 -3.78
C LYS A 20 1.86 -1.33 -3.51
N ALA A 21 2.39 -0.13 -3.26
CA ALA A 21 3.81 0.02 -2.98
C ALA A 21 4.05 1.16 -2.00
N PHE A 22 5.21 1.14 -1.35
CA PHE A 22 5.56 2.17 -0.37
C PHE A 22 7.07 2.23 -0.16
N ALA A 23 7.59 3.44 0.00
CA ALA A 23 9.02 3.64 0.22
C ALA A 23 9.47 2.98 1.52
N GLN A 24 8.63 3.05 2.54
CA GLN A 24 8.94 2.46 3.84
C GLN A 24 7.94 1.38 4.20
N LYS A 25 8.33 0.50 5.12
CA LYS A 25 7.47 -0.59 5.56
C LYS A 25 6.30 -0.06 6.38
N ALA A 26 6.61 0.73 7.40
CA ALA A 26 5.60 1.31 8.27
C ALA A 26 4.42 1.83 7.45
N ASN A 27 4.72 2.36 6.27
CA ASN A 27 3.69 2.91 5.39
C ASN A 27 2.88 1.78 4.75
N LEU A 28 3.55 0.66 4.49
CA LEU A 28 2.89 -0.49 3.87
C LEU A 28 2.10 -1.28 4.91
N THR A 29 2.77 -1.68 5.99
CA THR A 29 2.13 -2.44 7.05
C THR A 29 0.80 -1.81 7.46
N GLN A 30 0.80 -0.50 7.61
CA GLN A 30 -0.41 0.23 8.00
C GLN A 30 -1.46 0.15 6.90
N HIS A 31 -1.01 0.06 5.65
CA HIS A 31 -1.92 -0.02 4.51
C HIS A 31 -2.66 -1.36 4.50
N GLN A 32 -1.93 -2.42 4.79
CA GLN A 32 -2.52 -3.77 4.81
C GLN A 32 -3.74 -3.81 5.73
N ARG A 33 -3.82 -2.84 6.64
CA ARG A 33 -4.93 -2.77 7.58
C ARG A 33 -6.26 -2.57 6.85
N ILE A 34 -6.17 -2.12 5.60
CA ILE A 34 -7.36 -1.89 4.79
C ILE A 34 -7.99 -3.20 4.35
N HIS A 35 -7.15 -4.19 4.07
CA HIS A 35 -7.63 -5.50 3.64
C HIS A 35 -8.12 -6.32 4.83
N THR A 36 -7.28 -6.42 5.86
CA THR A 36 -7.62 -7.17 7.06
C THR A 36 -8.87 -6.58 7.74
N GLY A 37 -10.04 -7.06 7.30
CA GLY A 37 -11.28 -6.58 7.87
C GLY A 37 -12.47 -6.84 6.97
N GLU A 38 -12.34 -6.49 5.70
CA GLU A 38 -13.41 -6.69 4.74
C GLU A 38 -13.24 -8.03 3.99
N LYS A 39 -14.29 -8.84 4.02
CA LYS A 39 -14.27 -10.14 3.35
C LYS A 39 -15.23 -10.17 2.17
N PRO A 40 -14.80 -10.77 1.05
CA PRO A 40 -15.61 -10.88 -0.16
C PRO A 40 -16.78 -11.83 0.02
N SER A 41 -17.89 -11.32 0.55
CA SER A 41 -19.08 -12.13 0.77
C SER A 41 -20.33 -11.27 0.72
N GLY A 42 -21.48 -11.91 0.51
CA GLY A 42 -22.74 -11.20 0.43
C GLY A 42 -23.72 -11.84 -0.51
N PRO A 43 -24.72 -11.06 -0.96
CA PRO A 43 -25.75 -11.55 -1.89
C PRO A 43 -25.20 -11.81 -3.28
N SER A 44 -25.12 -13.08 -3.65
CA SER A 44 -24.60 -13.47 -4.96
C SER A 44 -25.74 -13.87 -5.90
N SER A 45 -25.45 -13.90 -7.20
CA SER A 45 -26.45 -14.26 -8.19
C SER A 45 -26.02 -15.52 -8.96
N GLY A 46 -24.79 -15.50 -9.47
CA GLY A 46 -24.28 -16.63 -10.22
C GLY A 46 -23.82 -17.77 -9.31
ZN ZN B . -2.94 -3.68 -0.57
#